data_7ZVT
#
_entry.id   7ZVT
#
_cell.length_a   1.00
_cell.length_b   1.00
_cell.length_c   1.00
_cell.angle_alpha   90.00
_cell.angle_beta   90.00
_cell.angle_gamma   90.00
#
_symmetry.space_group_name_H-M   'P 1'
#
loop_
_entity.id
_entity.type
_entity.pdbx_description
1 polymer "DNA (5'-D(P*TP*CP*CP*CP*TP*CP*TP*AP*GP*AP*TP*AP*TP*C)-3')"
2 polymer "DNA (5'-D(P*CP*GP*AP*TP*AP*TP*CP*TP*AP*GP*AP*GP*GP*GP*AP*T)-3')"
3 polymer 'X-ray repair cross-complementing protein 6'
4 polymer 'X-ray repair cross-complementing protein 5'
5 non-polymer 'INOSITOL HEXAKISPHOSPHATE'
#
loop_
_entity_poly.entity_id
_entity_poly.type
_entity_poly.pdbx_seq_one_letter_code
_entity_poly.pdbx_strand_id
1 'polydeoxyribonucleotide' (DT)(DC)(DC)(DC)(DT)(DC)(DT)(DA)(DG)(DA)(DT)(DA)(DT)(DC) C
2 'polydeoxyribonucleotide' (DC)(DG)(DA)(DT)(DA)(DT)(DC)(DT)(DA)(DG)(DA)(DG)(DG)(DG)(DA)(DT) D
3 'polypeptide(L)'
;MSGWESYYKTEGDEEAEEEQEENLEASGDYKYSGRDSLIFLVDASKAMFESQSEDELTPFDMSIQCIQSVYISKIISSDR
DLLAVVFYGTEKDKNSVNFKNIYVLQELDNPGAKRILELDQFKGQQGQKRFQDMMGHGSDYSLSEVLWVCANLFSDVQFK
MSHKRIMLFTNEDNPHGNDSAKASRARTKAGDLRDTGIFLDLMHLKKPGGFDISLFYRDIISIAEDEDLRVHFEESSKLE
DLLRKVRAKETRKRALSRLKLKLNKDIVISVGIYNLVQKALKPPPIKLYRETNEPVKTKTRTFNTSTGGLLLPSDTKRSQ
IYGSRQIILEKEETEELKRFDDPGLMLMGFKPLVLLKKHHYLRPSLFVYPEESLVIGSSTLFSALLIKCLEKEVAALCRY
TPRRNIPPYFVALVPQEEELDDQKIQVTPPGFQLVFLPFADDKRKMPFTEKIMATPEQVGKMKAIVEKLRFTYRSDSFEN
PVLQQHFRNLEALALDLMEPEQAVDLTLPKVEAMNKRLGSLVDEFKELVYPPDYNPEGKVTKRKHDNEGSGSKRPKVEYS
EEELKTHISKGTLGKFTVPMLKEACRAYGLKSGLKKQELLEALTKHFQD
;
A
4 'polypeptide(L)'
;MVRSGNKAAVVLCMDVGFTMSNSIPGIESPFEQAKKVITMFVQRQVFAENKDEIALVLFGTDGTDNPLSGGDQYQNITVH
RHLMLPDFDLLEDIESKIQPGSQQADFLDALIVSMDVIQHETIGKKFEKRHIEIFTDLSSRFSKSQLDIIIHSLKKCDIS
LQFFLPFSLGKEDGSGDRGDGPFRLGGHGPSFPLKGITEQQKEGLEIVKMVMISLEGEDGLDEIYSFSESLRKLCVFKKI
ERHSIHWPCRLTIGSNLSIRIAAYKSILQERVKKTWTVVDAKTLKKEDIQKETVYCLNDDDETEVLKEDIIQGFRYGSDI
VPFSKVDEEQMKYKSEGKCFSVLGFCKSSQVQRRFFMGNQVLKVFAARDDEAAAVALSSLIHALDDLDMVAIVRYAYDKR
ANPQVGVAFPHIKHNYECLVYVQLPFMEDLRQYMFSSLKNSKKYAPTEAQLNAVDALIDSMSLAKKDEKTDTLEDLFPTT
KIPNPRFQRLFQCLLHRALHPREPLPPIQQHIWNMLNPPAEVTTKSQIPLSKIKTLFPLIEAKKKDQVTAQEIFQDNHED
GPTAKKLKTEQGGAHFSVSSLAEGSVTSVGSVNPAENFRVLVKQKKASFEEASNQLINHIEQFLDTNETPYFMKSIDCIR
AFREEAIKFSEEQRFNNFLKALQEKVEIKQLNHFWEIVVQDGITLITKEEASGSSVTAEEAKKFLAPKDKPSGDTAAVFE
EGGDVDDLLDMI
;
B
#
# COMPACT_ATOMS: atom_id res chain seq x y z
N GLY C 34 -17.68 22.51 -6.79
CA GLY C 34 -17.37 23.32 -7.95
C GLY C 34 -16.69 22.55 -9.06
N ARG C 35 -16.46 23.22 -10.18
CA ARG C 35 -15.81 22.62 -11.35
C ARG C 35 -14.76 23.57 -11.89
N ASP C 36 -13.75 23.00 -12.54
CA ASP C 36 -12.73 23.76 -13.25
C ASP C 36 -12.77 23.43 -14.73
N SER C 37 -12.53 24.44 -15.57
CA SER C 37 -12.70 24.32 -17.01
C SER C 37 -11.40 24.62 -17.73
N LEU C 38 -11.22 23.95 -18.87
CA LEU C 38 -10.03 24.09 -19.69
C LEU C 38 -10.43 24.41 -21.12
N ILE C 39 -9.80 25.42 -21.71
CA ILE C 39 -10.04 25.81 -23.09
C ILE C 39 -8.78 25.55 -23.88
N PHE C 40 -8.89 24.75 -24.93
CA PHE C 40 -7.77 24.46 -25.81
C PHE C 40 -7.78 25.47 -26.96
N LEU C 41 -6.66 26.16 -27.14
CA LEU C 41 -6.56 27.25 -28.10
C LEU C 41 -5.49 26.86 -29.12
N VAL C 42 -5.91 26.50 -30.32
CA VAL C 42 -5.03 25.94 -31.33
C VAL C 42 -4.85 26.97 -32.45
N ASP C 43 -3.60 27.16 -32.88
CA ASP C 43 -3.29 28.07 -33.96
C ASP C 43 -3.51 27.40 -35.30
N ALA C 44 -4.26 28.07 -36.18
CA ALA C 44 -4.53 27.56 -37.52
C ALA C 44 -3.75 28.34 -38.58
N SER C 45 -2.61 28.89 -38.20
CA SER C 45 -1.80 29.66 -39.13
C SER C 45 -1.19 28.74 -40.19
N LYS C 46 -0.74 29.36 -41.28
CA LYS C 46 -0.20 28.59 -42.40
C LYS C 46 1.04 27.80 -42.02
N ALA C 47 1.75 28.21 -40.97
CA ALA C 47 2.97 27.52 -40.57
C ALA C 47 2.72 26.29 -39.71
N MET C 48 1.49 26.05 -39.29
CA MET C 48 1.19 24.90 -38.44
C MET C 48 0.98 23.62 -39.23
N PHE C 49 0.90 23.69 -40.56
CA PHE C 49 0.65 22.53 -41.40
C PHE C 49 1.89 22.05 -42.13
N GLU C 50 3.07 22.54 -41.77
CA GLU C 50 4.33 22.15 -42.41
C GLU C 50 5.01 21.09 -41.57
N SER C 51 5.28 19.94 -42.19
CA SER C 51 6.03 18.88 -41.52
C SER C 51 7.51 19.21 -41.39
N GLN C 52 7.98 20.27 -42.05
CA GLN C 52 9.38 20.69 -42.01
C GLN C 52 10.31 19.57 -42.46
N SER C 53 9.88 18.85 -43.51
CA SER C 53 10.64 17.73 -44.08
C SER C 53 10.98 16.69 -43.02
N GLU C 54 10.01 16.40 -42.15
CA GLU C 54 10.16 15.42 -41.09
C GLU C 54 9.10 14.34 -41.23
N ASP C 55 9.47 13.12 -40.85
CA ASP C 55 8.53 12.00 -40.93
C ASP C 55 7.46 12.06 -39.85
N GLU C 56 7.68 12.84 -38.79
CA GLU C 56 6.71 12.93 -37.71
C GLU C 56 5.52 13.79 -38.12
N LEU C 57 4.53 13.86 -37.24
CA LEU C 57 3.29 14.56 -37.54
C LEU C 57 3.48 16.07 -37.55
N THR C 58 2.63 16.75 -38.31
CA THR C 58 2.60 18.20 -38.31
C THR C 58 2.12 18.70 -36.95
N PRO C 59 2.55 19.90 -36.54
CA PRO C 59 2.10 20.42 -35.24
C PRO C 59 0.59 20.53 -35.10
N PHE C 60 -0.13 20.75 -36.19
CA PHE C 60 -1.59 20.77 -36.09
C PHE C 60 -2.15 19.40 -35.71
N ASP C 61 -1.68 18.35 -36.40
CA ASP C 61 -2.06 17.00 -36.01
C ASP C 61 -1.59 16.70 -34.60
N MET C 62 -0.43 17.22 -34.23
CA MET C 62 0.09 17.08 -32.88
C MET C 62 -0.93 17.58 -31.86
N SER C 63 -1.39 18.82 -32.05
CA SER C 63 -2.33 19.42 -31.12
C SER C 63 -3.66 18.69 -31.13
N ILE C 64 -4.14 18.29 -32.31
CA ILE C 64 -5.43 17.59 -32.40
C ILE C 64 -5.36 16.28 -31.62
N GLN C 65 -4.29 15.51 -31.82
CA GLN C 65 -4.14 14.25 -31.12
C GLN C 65 -3.98 14.46 -29.63
N CYS C 66 -3.28 15.51 -29.22
CA CYS C 66 -3.14 15.79 -27.80
C CYS C 66 -4.48 16.11 -27.16
N ILE C 67 -5.30 16.92 -27.83
CA ILE C 67 -6.62 17.25 -27.30
C ILE C 67 -7.50 16.00 -27.24
N GLN C 68 -7.41 15.14 -28.26
CA GLN C 68 -8.14 13.88 -28.22
C GLN C 68 -7.71 13.02 -27.04
N SER C 69 -6.41 12.92 -26.80
CA SER C 69 -5.93 12.11 -25.68
C SER C 69 -6.40 12.69 -24.35
N VAL C 70 -6.44 14.02 -24.25
CA VAL C 70 -6.96 14.64 -23.03
C VAL C 70 -8.43 14.30 -22.85
N TYR C 71 -9.21 14.36 -23.93
CA TYR C 71 -10.63 14.01 -23.84
C TYR C 71 -10.80 12.57 -23.38
N ILE C 72 -10.04 11.66 -23.98
CA ILE C 72 -10.14 10.25 -23.62
C ILE C 72 -9.76 10.04 -22.17
N SER C 73 -8.68 10.68 -21.71
CA SER C 73 -8.25 10.53 -20.33
C SER C 73 -9.29 11.08 -19.37
N LYS C 74 -9.92 12.20 -19.72
CA LYS C 74 -10.98 12.75 -18.89
C LYS C 74 -12.16 11.79 -18.78
N ILE C 75 -12.51 11.14 -19.91
CA ILE C 75 -13.62 10.21 -19.89
C ILE C 75 -13.29 8.97 -19.08
N ILE C 76 -12.05 8.48 -19.19
CA ILE C 76 -11.65 7.28 -18.47
C ILE C 76 -11.77 7.49 -16.96
N SER C 77 -11.29 8.64 -16.48
CA SER C 77 -11.31 8.94 -15.06
C SER C 77 -12.66 9.51 -14.60
N SER C 78 -13.63 9.61 -15.49
CA SER C 78 -14.95 10.17 -15.18
C SER C 78 -14.82 11.54 -14.54
N ASP C 79 -13.93 12.36 -15.09
CA ASP C 79 -13.73 13.71 -14.57
C ASP C 79 -14.92 14.60 -14.93
N ARG C 80 -15.19 15.58 -14.06
CA ARG C 80 -16.26 16.54 -14.27
C ARG C 80 -15.75 17.84 -14.87
N ASP C 81 -14.71 17.76 -15.69
CA ASP C 81 -14.11 18.94 -16.31
C ASP C 81 -14.98 19.46 -17.45
N LEU C 82 -14.81 20.74 -17.74
CA LEU C 82 -15.42 21.37 -18.90
C LEU C 82 -14.32 21.70 -19.90
N LEU C 83 -14.50 21.27 -21.15
CA LEU C 83 -13.46 21.40 -22.16
C LEU C 83 -14.02 22.11 -23.39
N ALA C 84 -13.20 22.95 -24.00
CA ALA C 84 -13.58 23.68 -25.20
C ALA C 84 -12.39 23.74 -26.15
N VAL C 85 -12.69 23.81 -27.44
CA VAL C 85 -11.67 23.88 -28.49
C VAL C 85 -11.99 25.06 -29.39
N VAL C 86 -11.01 25.96 -29.54
CA VAL C 86 -11.18 27.17 -30.33
C VAL C 86 -10.01 27.28 -31.30
N PHE C 87 -10.31 27.57 -32.57
CA PHE C 87 -9.32 27.78 -33.61
C PHE C 87 -9.31 29.24 -34.01
N TYR C 88 -8.10 29.81 -34.14
CA TYR C 88 -7.95 31.18 -34.59
C TYR C 88 -6.99 31.23 -35.77
N GLY C 89 -7.13 32.27 -36.58
CA GLY C 89 -6.39 32.38 -37.82
C GLY C 89 -7.07 31.75 -39.00
N THR C 90 -8.34 31.38 -38.88
CA THR C 90 -9.09 30.74 -39.95
C THR C 90 -9.81 31.78 -40.80
N GLU C 91 -10.30 31.32 -41.96
CA GLU C 91 -11.10 32.20 -42.81
C GLU C 91 -12.52 32.31 -42.28
N LYS C 92 -13.22 31.18 -42.17
CA LYS C 92 -14.56 31.19 -41.58
C LYS C 92 -14.48 31.43 -40.08
N ASP C 93 -15.52 32.06 -39.54
CA ASP C 93 -15.57 32.42 -38.13
C ASP C 93 -16.90 32.01 -37.53
N LYS C 94 -16.87 31.71 -36.23
CA LYS C 94 -18.09 31.34 -35.51
C LYS C 94 -17.88 31.63 -34.03
N ASN C 95 -18.56 32.65 -33.52
CA ASN C 95 -18.52 32.99 -32.10
C ASN C 95 -19.72 33.87 -31.79
N SER C 96 -19.86 34.24 -30.53
CA SER C 96 -21.00 35.05 -30.11
C SER C 96 -20.88 36.48 -30.62
N VAL C 97 -19.67 37.04 -30.63
CA VAL C 97 -19.49 38.45 -30.95
C VAL C 97 -19.23 38.67 -32.44
N ASN C 98 -19.25 37.62 -33.26
CA ASN C 98 -19.01 37.72 -34.69
C ASN C 98 -17.66 38.35 -34.99
N PHE C 99 -16.66 38.00 -34.18
CA PHE C 99 -15.30 38.46 -34.44
C PHE C 99 -14.69 37.70 -35.61
N LYS C 100 -13.91 38.39 -36.42
CA LYS C 100 -13.34 37.79 -37.62
C LYS C 100 -12.27 36.78 -37.26
N ASN C 101 -12.19 35.72 -38.06
CA ASN C 101 -11.11 34.73 -38.00
C ASN C 101 -11.05 34.03 -36.65
N ILE C 102 -12.17 33.94 -35.95
CA ILE C 102 -12.26 33.22 -34.68
C ILE C 102 -13.38 32.21 -34.79
N TYR C 103 -13.06 30.93 -34.61
CA TYR C 103 -14.05 29.86 -34.72
C TYR C 103 -14.01 29.01 -33.47
N VAL C 104 -15.18 28.79 -32.87
CA VAL C 104 -15.31 27.98 -31.67
C VAL C 104 -15.88 26.63 -32.09
N LEU C 105 -15.01 25.62 -32.17
CA LEU C 105 -15.47 24.29 -32.55
C LEU C 105 -16.38 23.69 -31.48
N GLN C 106 -16.01 23.82 -30.21
CA GLN C 106 -16.77 23.25 -29.12
C GLN C 106 -16.80 24.25 -27.96
N GLU C 107 -17.98 24.47 -27.39
CA GLU C 107 -18.10 25.33 -26.22
C GLU C 107 -17.74 24.55 -24.96
N LEU C 108 -17.77 25.23 -23.83
CA LEU C 108 -17.42 24.62 -22.55
C LEU C 108 -18.50 23.62 -22.16
N ASP C 109 -18.17 22.34 -22.23
CA ASP C 109 -19.11 21.28 -21.87
C ASP C 109 -18.33 20.02 -21.55
N ASN C 110 -19.00 19.07 -20.91
CA ASN C 110 -18.36 17.81 -20.59
C ASN C 110 -18.04 17.05 -21.88
N PRO C 111 -16.94 16.31 -21.91
CA PRO C 111 -16.59 15.56 -23.12
C PRO C 111 -17.58 14.45 -23.39
N GLY C 112 -17.72 14.10 -24.66
CA GLY C 112 -18.62 13.04 -25.08
C GLY C 112 -18.09 12.36 -26.31
N ALA C 113 -18.78 11.27 -26.69
CA ALA C 113 -18.36 10.50 -27.84
C ALA C 113 -18.47 11.31 -29.13
N LYS C 114 -19.55 12.07 -29.28
CA LYS C 114 -19.75 12.84 -30.50
C LYS C 114 -18.68 13.91 -30.66
N ARG C 115 -18.30 14.56 -29.55
CA ARG C 115 -17.24 15.56 -29.61
C ARG C 115 -15.91 14.92 -30.02
N ILE C 116 -15.62 13.74 -29.48
CA ILE C 116 -14.38 13.05 -29.84
C ILE C 116 -14.40 12.67 -31.33
N LEU C 117 -15.56 12.24 -31.83
CA LEU C 117 -15.66 11.94 -33.26
C LEU C 117 -15.47 13.19 -34.12
N GLU C 118 -16.06 14.31 -33.69
CA GLU C 118 -15.89 15.56 -34.43
C GLU C 118 -14.43 15.98 -34.44
N LEU C 119 -13.72 15.74 -33.32
CA LEU C 119 -12.29 16.03 -33.28
C LEU C 119 -11.51 15.08 -34.18
N ASP C 120 -11.91 13.81 -34.23
CA ASP C 120 -11.26 12.83 -35.10
C ASP C 120 -11.44 13.18 -36.56
N GLN C 121 -12.51 13.90 -36.88
CA GLN C 121 -12.73 14.34 -38.25
C GLN C 121 -11.54 15.13 -38.79
N PHE C 122 -10.81 15.82 -37.92
CA PHE C 122 -9.64 16.60 -38.31
C PHE C 122 -8.32 15.84 -38.15
N LYS C 123 -8.36 14.57 -37.76
CA LYS C 123 -7.14 13.83 -37.49
C LYS C 123 -6.54 13.28 -38.78
N GLY C 124 -5.21 13.25 -38.86
CA GLY C 124 -4.52 12.69 -40.00
C GLY C 124 -4.38 13.66 -41.15
N GLN C 125 -3.83 13.15 -42.25
CA GLN C 125 -3.67 13.96 -43.45
C GLN C 125 -5.03 14.27 -44.08
N GLN C 126 -5.90 13.28 -44.17
CA GLN C 126 -7.24 13.54 -44.68
C GLN C 126 -8.01 14.47 -43.75
N GLY C 127 -7.81 14.31 -42.44
CA GLY C 127 -8.42 15.22 -41.49
C GLY C 127 -7.94 16.64 -41.66
N GLN C 128 -6.63 16.81 -41.89
CA GLN C 128 -6.09 18.14 -42.16
C GLN C 128 -6.69 18.71 -43.44
N LYS C 129 -6.85 17.88 -44.47
CA LYS C 129 -7.45 18.33 -45.72
C LYS C 129 -8.88 18.82 -45.48
N ARG C 130 -9.67 18.03 -44.74
CA ARG C 130 -11.02 18.46 -44.42
C ARG C 130 -11.03 19.75 -43.61
N PHE C 131 -10.07 19.89 -42.71
CA PHE C 131 -9.94 21.12 -41.93
C PHE C 131 -9.69 22.31 -42.84
N GLN C 132 -8.82 22.16 -43.83
CA GLN C 132 -8.58 23.26 -44.76
C GLN C 132 -9.83 23.56 -45.59
N ASP C 133 -10.54 22.52 -46.04
CA ASP C 133 -11.72 22.75 -46.88
C ASP C 133 -12.82 23.49 -46.11
N MET C 134 -13.16 22.99 -44.93
CA MET C 134 -14.28 23.54 -44.18
C MET C 134 -13.88 24.63 -43.20
N MET C 135 -12.61 24.98 -43.13
CA MET C 135 -12.18 25.84 -42.04
C MET C 135 -11.47 27.10 -42.50
N GLY C 136 -10.57 26.99 -43.48
CA GLY C 136 -9.71 28.08 -43.87
C GLY C 136 -8.46 28.15 -43.01
N HIS C 137 -7.44 28.83 -43.54
CA HIS C 137 -6.17 28.98 -42.82
C HIS C 137 -5.45 30.20 -43.37
N GLY C 138 -4.45 30.65 -42.61
CA GLY C 138 -3.53 31.67 -43.06
C GLY C 138 -4.07 33.08 -43.03
N SER C 139 -5.26 33.29 -42.50
CA SER C 139 -5.81 34.64 -42.44
C SER C 139 -5.17 35.41 -41.29
N ASP C 140 -5.26 36.74 -41.37
CA ASP C 140 -4.73 37.59 -40.31
C ASP C 140 -5.58 37.46 -39.05
N TYR C 141 -4.95 37.78 -37.92
CA TYR C 141 -5.63 37.65 -36.64
C TYR C 141 -5.00 38.63 -35.65
N SER C 142 -5.75 38.93 -34.59
CA SER C 142 -5.26 39.72 -33.48
C SER C 142 -5.57 38.99 -32.19
N LEU C 143 -4.55 38.85 -31.33
CA LEU C 143 -4.69 38.03 -30.13
C LEU C 143 -5.70 38.61 -29.15
N SER C 144 -5.86 39.94 -29.13
CA SER C 144 -6.77 40.57 -28.18
C SER C 144 -8.18 40.01 -28.35
N GLU C 145 -8.63 39.90 -29.59
CA GLU C 145 -9.94 39.31 -29.84
C GLU C 145 -9.98 37.84 -29.45
N VAL C 146 -8.87 37.13 -29.58
CA VAL C 146 -8.83 35.71 -29.21
C VAL C 146 -9.07 35.55 -27.72
N LEU C 147 -8.31 36.28 -26.90
CA LEU C 147 -8.54 36.21 -25.46
C LEU C 147 -9.89 36.80 -25.06
N TRP C 148 -10.40 37.77 -25.81
CA TRP C 148 -11.75 38.28 -25.51
C TRP C 148 -12.79 37.19 -25.72
N VAL C 149 -12.67 36.44 -26.82
CA VAL C 149 -13.58 35.32 -27.07
C VAL C 149 -13.43 34.25 -26.01
N CYS C 150 -12.19 33.99 -25.59
CA CYS C 150 -11.98 33.00 -24.53
C CYS C 150 -12.64 33.42 -23.23
N ALA C 151 -12.51 34.71 -22.86
CA ALA C 151 -13.15 35.21 -21.66
C ALA C 151 -14.67 35.14 -21.76
N ASN C 152 -15.21 35.46 -22.94
CA ASN C 152 -16.66 35.37 -23.13
C ASN C 152 -17.13 33.93 -22.99
N LEU C 153 -16.37 32.97 -23.52
CA LEU C 153 -16.70 31.57 -23.35
C LEU C 153 -16.65 31.17 -21.88
N PHE C 154 -15.65 31.67 -21.15
CA PHE C 154 -15.54 31.35 -19.73
C PHE C 154 -16.74 31.89 -18.96
N SER C 155 -17.18 33.09 -19.30
CA SER C 155 -18.32 33.71 -18.61
C SER C 155 -19.66 33.16 -19.09
N ASP C 156 -19.68 32.40 -20.19
CA ASP C 156 -20.95 31.92 -20.73
C ASP C 156 -21.56 30.83 -19.86
N VAL C 157 -20.72 29.97 -19.28
CA VAL C 157 -21.22 28.82 -18.53
C VAL C 157 -21.78 29.27 -17.18
N GLN C 158 -22.99 28.83 -16.86
CA GLN C 158 -23.61 29.14 -15.58
C GLN C 158 -23.37 27.96 -14.64
N PHE C 159 -22.16 27.91 -14.08
CA PHE C 159 -21.78 26.86 -13.16
C PHE C 159 -20.80 27.41 -12.14
N LYS C 160 -20.60 26.64 -11.07
CA LYS C 160 -19.63 27.01 -10.05
C LYS C 160 -18.24 26.84 -10.64
N MET C 161 -17.66 27.95 -11.08
CA MET C 161 -16.38 27.94 -11.78
C MET C 161 -15.25 28.08 -10.76
N SER C 162 -14.38 27.08 -10.69
CA SER C 162 -13.30 27.10 -9.71
C SER C 162 -12.03 27.71 -10.30
N HIS C 163 -11.47 27.10 -11.34
CA HIS C 163 -10.32 27.64 -12.04
C HIS C 163 -10.54 27.58 -13.54
N LYS C 164 -10.13 28.64 -14.23
CA LYS C 164 -10.30 28.78 -15.66
C LYS C 164 -8.92 28.85 -16.29
N ARG C 165 -8.67 27.99 -17.29
CA ARG C 165 -7.35 27.86 -17.88
C ARG C 165 -7.46 27.85 -19.40
N ILE C 166 -6.46 28.45 -20.06
CA ILE C 166 -6.34 28.44 -21.51
C ILE C 166 -4.99 27.87 -21.88
N MET C 167 -4.98 26.86 -22.74
CA MET C 167 -3.76 26.31 -23.29
C MET C 167 -3.66 26.73 -24.75
N LEU C 168 -2.58 27.44 -25.08
CA LEU C 168 -2.40 27.98 -26.42
C LEU C 168 -1.38 27.12 -27.17
N PHE C 169 -1.84 26.50 -28.25
CA PHE C 169 -0.99 25.65 -29.09
C PHE C 169 -0.56 26.47 -30.30
N THR C 170 0.72 26.80 -30.36
CA THR C 170 1.24 27.57 -31.48
C THR C 170 2.73 27.33 -31.60
N ASN C 171 3.24 27.40 -32.82
CA ASN C 171 4.68 27.35 -33.09
C ASN C 171 5.23 28.71 -33.51
N GLU C 172 4.43 29.76 -33.42
CA GLU C 172 4.86 31.10 -33.76
C GLU C 172 5.19 31.86 -32.49
N ASP C 173 6.42 32.37 -32.40
CA ASP C 173 6.89 33.04 -31.19
C ASP C 173 6.60 34.54 -31.19
N ASN C 174 6.47 35.16 -32.36
CA ASN C 174 6.19 36.59 -32.48
C ASN C 174 5.02 36.77 -33.43
N PRO C 175 3.79 36.50 -32.97
CA PRO C 175 2.62 36.63 -33.87
C PRO C 175 2.41 38.05 -34.37
N HIS C 176 2.77 39.06 -33.57
CA HIS C 176 2.52 40.44 -33.98
C HIS C 176 3.82 41.24 -34.04
N GLY C 177 4.85 40.65 -34.65
CA GLY C 177 6.11 41.36 -34.79
C GLY C 177 6.07 42.53 -35.74
N ASN C 178 5.09 42.56 -36.65
CA ASN C 178 4.93 43.64 -37.59
C ASN C 178 3.86 44.65 -37.17
N ASP C 179 3.26 44.48 -35.99
CA ASP C 179 2.21 45.38 -35.52
C ASP C 179 2.42 45.61 -34.02
N SER C 180 3.01 46.75 -33.68
CA SER C 180 3.24 47.08 -32.28
C SER C 180 1.92 47.33 -31.55
N ALA C 181 0.95 47.96 -32.23
CA ALA C 181 -0.34 48.21 -31.60
C ALA C 181 -1.05 46.92 -31.25
N LYS C 182 -1.03 45.95 -32.16
CA LYS C 182 -1.65 44.66 -31.89
C LYS C 182 -0.97 43.97 -30.71
N ALA C 183 0.36 44.03 -30.65
CA ALA C 183 1.08 43.43 -29.53
C ALA C 183 0.71 44.10 -28.21
N SER C 184 0.61 45.43 -28.20
CA SER C 184 0.24 46.13 -26.99
C SER C 184 -1.18 45.78 -26.55
N ARG C 185 -2.11 45.70 -27.51
CA ARG C 185 -3.48 45.33 -27.17
C ARG C 185 -3.54 43.91 -26.62
N ALA C 186 -2.78 42.99 -27.23
CA ALA C 186 -2.75 41.62 -26.73
C ALA C 186 -2.16 41.56 -25.32
N ARG C 187 -1.11 42.35 -25.06
CA ARG C 187 -0.53 42.38 -23.72
C ARG C 187 -1.54 42.92 -22.70
N THR C 188 -2.27 43.97 -23.07
CA THR C 188 -3.27 44.51 -22.16
C THR C 188 -4.39 43.51 -21.90
N LYS C 189 -4.82 42.80 -22.94
CA LYS C 189 -5.87 41.80 -22.77
C LYS C 189 -5.39 40.65 -21.89
N ALA C 190 -4.16 40.20 -22.08
CA ALA C 190 -3.60 39.17 -21.21
C ALA C 190 -3.52 39.68 -19.78
N GLY C 191 -3.13 40.94 -19.59
CA GLY C 191 -3.01 41.48 -18.25
C GLY C 191 -4.33 41.52 -17.52
N ASP C 192 -5.36 42.11 -18.13
CA ASP C 192 -6.61 42.21 -17.38
C ASP C 192 -7.35 40.87 -17.34
N LEU C 193 -7.03 39.94 -18.25
CA LEU C 193 -7.58 38.60 -18.12
C LEU C 193 -6.94 37.86 -16.94
N ARG C 194 -5.64 38.07 -16.72
CA ARG C 194 -5.00 37.53 -15.53
C ARG C 194 -5.60 38.16 -14.28
N ASP C 195 -5.83 39.47 -14.30
CA ASP C 195 -6.48 40.13 -13.17
C ASP C 195 -7.90 39.63 -12.97
N THR C 196 -8.55 39.14 -14.03
CA THR C 196 -9.86 38.52 -13.86
C THR C 196 -9.77 37.27 -12.98
N GLY C 197 -8.75 36.45 -13.19
CA GLY C 197 -8.53 35.32 -12.32
C GLY C 197 -8.36 33.99 -13.02
N ILE C 198 -8.17 34.02 -14.34
CA ILE C 198 -7.97 32.80 -15.12
C ILE C 198 -6.49 32.61 -15.35
N PHE C 199 -6.11 31.37 -15.63
CA PHE C 199 -4.73 31.02 -15.93
C PHE C 199 -4.53 30.95 -17.44
N LEU C 200 -3.32 31.30 -17.88
CA LEU C 200 -3.00 31.34 -19.30
C LEU C 200 -1.60 30.76 -19.47
N ASP C 201 -1.54 29.49 -19.83
CA ASP C 201 -0.27 28.81 -20.08
C ASP C 201 -0.17 28.46 -21.55
N LEU C 202 1.02 28.66 -22.12
CA LEU C 202 1.26 28.44 -23.53
C LEU C 202 2.11 27.20 -23.73
N MET C 203 1.75 26.39 -24.72
CA MET C 203 2.46 25.16 -25.06
C MET C 203 3.04 25.33 -26.45
N HIS C 204 4.27 25.86 -26.52
CA HIS C 204 4.92 26.08 -27.79
C HIS C 204 5.33 24.76 -28.43
N LEU C 205 5.23 24.71 -29.75
CA LEU C 205 5.57 23.53 -30.52
C LEU C 205 6.87 23.78 -31.29
N LYS C 206 7.37 22.72 -31.91
CA LYS C 206 8.64 22.81 -32.63
C LYS C 206 8.55 23.81 -33.78
N LYS C 207 9.55 24.68 -33.87
CA LYS C 207 9.65 25.67 -34.92
C LYS C 207 11.10 25.75 -35.36
N PRO C 208 11.37 25.79 -36.66
CA PRO C 208 12.76 25.91 -37.12
C PRO C 208 13.40 27.17 -36.58
N GLY C 209 14.66 27.05 -36.16
CA GLY C 209 15.36 28.14 -35.53
C GLY C 209 15.09 28.31 -34.05
N GLY C 210 14.23 27.47 -33.47
CA GLY C 210 13.94 27.54 -32.05
C GLY C 210 12.76 28.45 -31.74
N PHE C 211 12.19 28.25 -30.56
CA PHE C 211 11.08 29.05 -30.06
C PHE C 211 11.58 29.90 -28.90
N ASP C 212 11.37 31.21 -29.00
CA ASP C 212 11.83 32.15 -27.98
C ASP C 212 10.61 32.66 -27.21
N ILE C 213 10.46 32.19 -25.97
CA ILE C 213 9.36 32.64 -25.13
C ILE C 213 9.52 34.11 -24.79
N SER C 214 10.75 34.54 -24.49
CA SER C 214 11.02 35.91 -24.07
C SER C 214 10.75 36.93 -25.16
N LEU C 215 10.56 36.51 -26.40
CA LEU C 215 10.33 37.45 -27.49
C LEU C 215 9.04 38.24 -27.27
N PHE C 216 7.90 37.56 -27.26
CA PHE C 216 6.63 38.26 -27.16
C PHE C 216 5.72 37.63 -26.11
N TYR C 217 5.89 36.33 -25.85
CA TYR C 217 5.00 35.58 -24.97
C TYR C 217 5.42 35.62 -23.51
N ARG C 218 6.54 36.28 -23.19
CA ARG C 218 6.99 36.32 -21.80
C ARG C 218 6.01 37.09 -20.92
N ASP C 219 5.45 38.18 -21.44
CA ASP C 219 4.58 39.05 -20.66
C ASP C 219 3.12 38.60 -20.67
N ILE C 220 2.78 37.51 -21.35
CA ILE C 220 1.40 37.05 -21.46
C ILE C 220 1.12 35.87 -20.55
N ILE C 221 1.99 34.85 -20.57
CA ILE C 221 1.74 33.65 -19.79
C ILE C 221 1.82 33.97 -18.30
N SER C 222 1.20 33.12 -17.48
CA SER C 222 1.20 33.30 -16.04
C SER C 222 2.52 32.86 -15.43
N VAL C 231 12.53 25.42 -15.02
CA VAL C 231 11.64 26.53 -15.25
C VAL C 231 10.54 26.10 -16.23
N HIS C 232 10.43 26.80 -17.35
CA HIS C 232 9.43 26.48 -18.35
C HIS C 232 9.81 25.22 -19.12
N PHE C 233 8.81 24.57 -19.69
CA PHE C 233 9.04 23.40 -20.53
C PHE C 233 9.75 23.81 -21.81
N GLU C 234 10.30 22.81 -22.50
CA GLU C 234 10.96 23.03 -23.77
C GLU C 234 9.98 22.81 -24.91
N GLU C 235 10.47 22.89 -26.15
CA GLU C 235 9.61 22.69 -27.30
C GLU C 235 9.11 21.24 -27.36
N SER C 236 8.04 21.04 -28.11
CA SER C 236 7.44 19.73 -28.28
C SER C 236 7.83 19.17 -29.64
N SER C 237 8.42 17.97 -29.65
CA SER C 237 8.80 17.30 -30.88
C SER C 237 8.23 15.90 -31.00
N LYS C 238 7.67 15.35 -29.93
CA LYS C 238 7.03 14.04 -29.95
C LYS C 238 5.65 14.16 -29.32
N LEU C 239 4.74 13.29 -29.75
CA LEU C 239 3.35 13.40 -29.31
C LEU C 239 3.22 13.17 -27.80
N GLU C 240 3.90 12.14 -27.28
CA GLU C 240 3.79 11.89 -25.85
C GLU C 240 4.49 12.97 -25.04
N ASP C 241 5.49 13.63 -25.63
CA ASP C 241 6.09 14.79 -24.97
C ASP C 241 5.04 15.87 -24.71
N LEU C 242 4.30 16.25 -25.76
CA LEU C 242 3.26 17.26 -25.62
C LEU C 242 2.15 16.77 -24.71
N LEU C 243 1.82 15.47 -24.76
CA LEU C 243 0.81 14.92 -23.88
C LEU C 243 1.20 15.07 -22.41
N ARG C 244 2.45 14.72 -22.08
CA ARG C 244 2.92 14.85 -20.72
C ARG C 244 2.94 16.31 -20.29
N LYS C 245 3.37 17.20 -21.19
CA LYS C 245 3.41 18.61 -20.86
C LYS C 245 2.01 19.16 -20.59
N VAL C 246 1.02 18.70 -21.36
CA VAL C 246 -0.36 19.12 -21.11
C VAL C 246 -0.85 18.59 -19.77
N ARG C 247 -0.65 17.29 -19.53
CA ARG C 247 -1.17 16.68 -18.31
C ARG C 247 -0.50 17.23 -17.06
N ALA C 248 0.73 17.74 -17.18
CA ALA C 248 1.40 18.33 -16.04
C ALA C 248 0.73 19.62 -15.57
N LYS C 249 -0.08 20.25 -16.41
CA LYS C 249 -0.74 21.50 -16.06
C LYS C 249 -2.25 21.40 -15.96
N GLU C 250 -2.89 20.58 -16.79
CA GLU C 250 -4.35 20.47 -16.72
C GLU C 250 -4.78 19.84 -15.41
N THR C 251 -4.04 18.87 -14.92
CA THR C 251 -4.41 18.17 -13.69
C THR C 251 -4.10 19.02 -12.48
N ARG C 252 -5.00 18.99 -11.51
CA ARG C 252 -4.86 19.74 -10.27
C ARG C 252 -4.66 18.78 -9.10
N LYS C 253 -3.82 19.18 -8.15
CA LYS C 253 -3.50 18.34 -7.01
C LYS C 253 -4.61 18.45 -5.96
N ARG C 254 -5.19 17.31 -5.61
CA ARG C 254 -6.17 17.22 -4.54
C ARG C 254 -5.54 16.42 -3.40
N ALA C 255 -5.27 17.09 -2.29
CA ALA C 255 -4.61 16.44 -1.17
C ALA C 255 -5.51 15.37 -0.57
N LEU C 256 -4.94 14.19 -0.31
CA LEU C 256 -5.71 13.13 0.33
C LEU C 256 -6.14 13.56 1.74
N SER C 257 -5.23 14.17 2.48
CA SER C 257 -5.52 14.63 3.83
C SER C 257 -4.46 15.63 4.24
N ARG C 258 -4.88 16.66 4.97
CA ARG C 258 -3.96 17.68 5.49
C ARG C 258 -3.71 17.34 6.95
N LEU C 259 -2.63 16.60 7.20
CA LEU C 259 -2.31 16.13 8.52
C LEU C 259 -1.26 17.04 9.17
N LYS C 260 -0.78 16.63 10.34
CA LYS C 260 0.23 17.36 11.08
C LYS C 260 1.39 16.43 11.37
N LEU C 261 2.60 16.84 10.98
CA LEU C 261 3.81 16.08 11.26
C LEU C 261 4.37 16.59 12.59
N LYS C 262 4.29 15.76 13.63
CA LYS C 262 4.69 16.14 14.98
C LYS C 262 6.07 15.57 15.26
N LEU C 263 7.08 16.44 15.26
CA LEU C 263 8.41 16.02 15.72
C LEU C 263 8.38 15.65 17.20
N ASN C 264 7.64 16.42 18.00
CA ASN C 264 7.36 16.08 19.39
C ASN C 264 6.00 16.68 19.72
N LYS C 265 5.69 16.76 21.02
CA LYS C 265 4.41 17.32 21.43
C LYS C 265 4.30 18.80 21.10
N ASP C 266 5.41 19.49 20.91
CA ASP C 266 5.43 20.94 20.70
C ASP C 266 5.71 21.34 19.27
N ILE C 267 6.77 20.81 18.67
CA ILE C 267 7.13 21.14 17.29
C ILE C 267 6.19 20.39 16.36
N VAL C 268 5.27 21.10 15.73
CA VAL C 268 4.29 20.51 14.84
C VAL C 268 4.27 21.32 13.54
N ILE C 269 4.38 20.62 12.41
CA ILE C 269 4.29 21.24 11.10
C ILE C 269 3.16 20.58 10.33
N SER C 270 2.64 21.29 9.34
CA SER C 270 1.52 20.83 8.56
C SER C 270 1.99 20.36 7.19
N VAL C 271 1.54 19.18 6.78
CA VAL C 271 1.91 18.60 5.50
C VAL C 271 0.65 18.12 4.80
N GLY C 272 0.76 17.96 3.48
CA GLY C 272 -0.31 17.41 2.66
C GLY C 272 0.09 16.05 2.14
N ILE C 273 -0.87 15.14 2.10
CA ILE C 273 -0.65 13.78 1.63
C ILE C 273 -1.32 13.63 0.28
N TYR C 274 -0.57 13.13 -0.70
CA TYR C 274 -1.05 12.97 -2.07
C TYR C 274 -0.78 11.55 -2.53
N ASN C 275 -1.67 11.02 -3.34
CA ASN C 275 -1.51 9.70 -3.93
C ASN C 275 -1.06 9.87 -5.37
N LEU C 276 0.23 9.71 -5.61
CA LEU C 276 0.77 9.85 -6.96
C LEU C 276 0.40 8.68 -7.85
N VAL C 277 0.08 7.52 -7.26
CA VAL C 277 -0.43 6.38 -8.00
C VAL C 277 -1.72 5.93 -7.33
N GLN C 278 -2.78 5.82 -8.13
CA GLN C 278 -4.09 5.39 -7.63
C GLN C 278 -4.69 4.44 -8.65
N LYS C 279 -4.92 3.20 -8.22
CA LYS C 279 -5.36 2.16 -9.14
C LYS C 279 -6.70 2.54 -9.76
N ALA C 280 -6.72 2.65 -11.09
CA ALA C 280 -7.95 3.01 -11.79
C ALA C 280 -8.97 1.89 -11.70
N LEU C 281 -10.21 2.27 -11.45
CA LEU C 281 -11.30 1.32 -11.26
C LEU C 281 -12.31 1.46 -12.38
N LYS C 282 -12.90 0.34 -12.76
CA LYS C 282 -14.00 0.37 -13.70
C LYS C 282 -15.18 1.10 -13.06
N PRO C 283 -15.73 2.12 -13.70
CA PRO C 283 -16.80 2.90 -13.07
C PRO C 283 -18.00 2.02 -12.75
N PRO C 284 -18.63 2.23 -11.60
CA PRO C 284 -19.78 1.40 -11.25
C PRO C 284 -20.96 1.70 -12.16
N PRO C 285 -21.78 0.69 -12.46
CA PRO C 285 -22.97 0.95 -13.29
C PRO C 285 -23.98 1.78 -12.54
N ILE C 286 -24.82 2.48 -13.31
CA ILE C 286 -25.91 3.29 -12.76
C ILE C 286 -27.22 2.72 -13.24
N LYS C 287 -28.15 2.51 -12.32
CA LYS C 287 -29.46 2.00 -12.68
C LYS C 287 -30.27 3.07 -13.40
N LEU C 288 -30.99 2.67 -14.45
CA LEU C 288 -31.74 3.59 -15.28
C LEU C 288 -33.18 3.11 -15.44
N TYR C 289 -34.06 4.07 -15.71
CA TYR C 289 -35.44 3.74 -16.06
C TYR C 289 -35.45 2.99 -17.39
N ARG C 290 -36.40 2.06 -17.53
CA ARG C 290 -36.40 1.19 -18.70
C ARG C 290 -36.70 1.96 -19.98
N GLU C 291 -37.76 2.78 -19.98
CA GLU C 291 -38.18 3.45 -21.19
C GLU C 291 -37.56 4.82 -21.38
N THR C 292 -37.35 5.57 -20.30
CA THR C 292 -36.86 6.94 -20.39
C THR C 292 -35.36 7.06 -20.18
N ASN C 293 -34.72 6.07 -19.55
CA ASN C 293 -33.27 6.00 -19.39
C ASN C 293 -32.70 7.13 -18.55
N GLU C 294 -33.52 7.74 -17.67
CA GLU C 294 -32.75 8.61 -16.80
C GLU C 294 -32.32 7.87 -15.54
N PRO C 295 -31.24 8.30 -14.90
CA PRO C 295 -30.81 7.66 -13.66
C PRO C 295 -31.87 7.77 -12.57
N VAL C 296 -31.94 6.75 -11.73
CA VAL C 296 -32.92 6.68 -10.66
C VAL C 296 -32.19 6.77 -9.31
N LYS C 297 -32.72 7.59 -8.42
CA LYS C 297 -32.13 7.74 -7.09
C LYS C 297 -32.39 6.49 -6.26
N THR C 298 -31.38 6.08 -5.50
CA THR C 298 -31.46 4.90 -4.65
C THR C 298 -31.15 5.29 -3.21
N LYS C 299 -32.00 4.84 -2.28
CA LYS C 299 -31.77 5.06 -0.86
C LYS C 299 -32.17 3.81 -0.10
N THR C 300 -31.51 3.61 1.05
CA THR C 300 -31.69 2.42 1.86
C THR C 300 -32.47 2.77 3.12
N ARG C 301 -33.52 1.99 3.41
CA ARG C 301 -34.36 2.19 4.58
C ARG C 301 -34.39 0.90 5.39
N THR C 302 -34.16 1.02 6.69
CA THR C 302 -34.14 -0.13 7.60
C THR C 302 -35.29 0.00 8.60
N PHE C 303 -35.91 -1.13 8.91
CA PHE C 303 -37.03 -1.14 9.86
C PHE C 303 -37.00 -2.45 10.63
N ASN C 304 -38.01 -2.64 11.49
CA ASN C 304 -38.19 -3.88 12.22
C ASN C 304 -39.10 -4.80 11.42
N THR C 305 -38.74 -6.09 11.39
CA THR C 305 -39.50 -7.05 10.59
C THR C 305 -40.91 -7.27 11.14
N SER C 306 -41.16 -6.92 12.40
CA SER C 306 -42.48 -7.08 13.00
C SER C 306 -43.29 -5.79 12.94
N THR C 307 -42.78 -4.72 13.54
CA THR C 307 -43.53 -3.46 13.58
C THR C 307 -43.52 -2.77 12.23
N GLY C 308 -42.37 -2.76 11.55
CA GLY C 308 -42.25 -2.11 10.26
C GLY C 308 -41.86 -0.65 10.32
N GLY C 309 -41.80 -0.05 11.51
CA GLY C 309 -41.44 1.35 11.63
C GLY C 309 -39.94 1.57 11.49
N LEU C 310 -39.59 2.77 11.04
CA LEU C 310 -38.19 3.15 10.90
C LEU C 310 -37.52 3.22 12.27
N LEU C 311 -36.30 2.72 12.35
CA LEU C 311 -35.56 2.67 13.61
C LEU C 311 -34.32 3.55 13.51
N LEU C 312 -34.04 4.26 14.60
CA LEU C 312 -32.86 5.11 14.69
C LEU C 312 -31.62 4.25 14.93
N PRO C 313 -30.44 4.78 14.62
CA PRO C 313 -29.20 4.04 14.95
C PRO C 313 -29.06 3.77 16.44
N SER C 314 -29.63 4.60 17.30
CA SER C 314 -29.60 4.36 18.73
C SER C 314 -30.50 3.20 19.16
N ASP C 315 -31.33 2.69 18.26
CA ASP C 315 -32.23 1.59 18.55
C ASP C 315 -31.63 0.23 18.23
N THR C 316 -30.35 0.18 17.87
CA THR C 316 -29.68 -1.07 17.53
C THR C 316 -28.27 -1.07 18.09
N LYS C 317 -27.72 -2.27 18.23
CA LYS C 317 -26.37 -2.48 18.75
C LYS C 317 -25.61 -3.44 17.83
N ARG C 318 -24.34 -3.62 18.15
CA ARG C 318 -23.46 -4.50 17.38
C ARG C 318 -23.16 -5.75 18.20
N SER C 319 -23.17 -6.90 17.52
CA SER C 319 -23.02 -8.18 18.20
C SER C 319 -22.03 -9.07 17.47
N GLN C 320 -21.33 -9.90 18.24
CA GLN C 320 -20.48 -10.95 17.73
C GLN C 320 -20.70 -12.20 18.56
N ILE C 321 -20.76 -13.35 17.90
CA ILE C 321 -21.05 -14.63 18.55
C ILE C 321 -19.84 -15.52 18.40
N TYR C 322 -19.18 -15.84 19.51
CA TYR C 322 -18.08 -16.78 19.55
C TYR C 322 -18.55 -18.04 20.27
N GLY C 323 -18.53 -19.16 19.57
CA GLY C 323 -19.08 -20.39 20.14
C GLY C 323 -20.55 -20.25 20.45
N SER C 324 -20.88 -20.16 21.73
CA SER C 324 -22.25 -19.95 22.19
C SER C 324 -22.35 -18.68 23.02
N ARG C 325 -21.72 -17.61 22.54
CA ARG C 325 -21.68 -16.35 23.28
C ARG C 325 -22.02 -15.17 22.37
N ILE C 327 -21.70 -11.40 22.90
CA ILE C 327 -20.97 -10.16 23.13
C ILE C 327 -21.68 -9.00 22.45
N ILE C 328 -22.16 -8.05 23.25
CA ILE C 328 -22.95 -6.93 22.77
C ILE C 328 -22.13 -5.66 22.95
N LEU C 329 -21.99 -4.90 21.87
CA LEU C 329 -21.26 -3.63 21.90
C LEU C 329 -22.06 -2.57 21.16
N GLU C 330 -21.93 -1.33 21.62
CA GLU C 330 -22.53 -0.20 20.91
C GLU C 330 -21.63 0.22 19.75
N LYS C 331 -22.18 1.06 18.88
CA LYS C 331 -21.38 1.60 17.77
C LYS C 331 -20.23 2.45 18.30
N GLU C 332 -20.50 3.28 19.30
CA GLU C 332 -19.46 4.14 19.85
C GLU C 332 -18.33 3.30 20.44
N GLU C 333 -18.65 2.21 21.12
CA GLU C 333 -17.61 1.35 21.67
C GLU C 333 -16.81 0.66 20.57
N THR C 334 -17.49 0.23 19.50
CA THR C 334 -16.77 -0.40 18.39
C THR C 334 -15.83 0.59 17.71
N GLU C 335 -16.19 1.87 17.68
CA GLU C 335 -15.27 2.87 17.16
C GLU C 335 -14.14 3.16 18.15
N GLU C 336 -14.47 3.18 19.45
CA GLU C 336 -13.48 3.55 20.46
C GLU C 336 -12.41 2.50 20.60
N LEU C 337 -12.75 1.22 20.45
CA LEU C 337 -11.72 0.19 20.55
C LEU C 337 -10.74 0.24 19.40
N LYS C 338 -11.02 1.00 18.35
CA LYS C 338 -10.10 1.19 17.24
C LYS C 338 -9.25 2.45 17.36
N ARG C 339 -9.42 3.22 18.44
CA ARG C 339 -8.78 4.52 18.57
C ARG C 339 -7.50 4.37 19.39
N PHE C 340 -6.37 4.77 18.79
CA PHE C 340 -5.09 4.80 19.47
C PHE C 340 -4.53 6.21 19.60
N ASP C 341 -4.39 6.92 18.48
CA ASP C 341 -3.76 8.23 18.46
C ASP C 341 -4.63 9.21 17.68
N ASP C 342 -4.33 10.50 17.84
CA ASP C 342 -4.96 11.51 17.03
C ASP C 342 -4.42 11.44 15.60
N PRO C 343 -5.20 11.88 14.62
CA PRO C 343 -4.72 11.85 13.23
C PRO C 343 -3.48 12.70 13.06
N GLY C 344 -2.57 12.22 12.22
CA GLY C 344 -1.33 12.92 11.93
C GLY C 344 -0.19 11.94 11.87
N LEU C 345 1.02 12.50 11.73
CA LEU C 345 2.25 11.72 11.70
C LEU C 345 3.08 12.09 12.92
N MET C 346 3.47 11.08 13.71
CA MET C 346 4.30 11.29 14.88
C MET C 346 5.67 10.69 14.62
N LEU C 347 6.70 11.52 14.73
CA LEU C 347 8.06 11.08 14.41
C LEU C 347 8.61 10.20 15.51
N MET C 348 9.05 8.99 15.15
CA MET C 348 9.67 8.09 16.11
C MET C 348 11.19 8.20 16.09
N GLY C 349 11.77 8.24 14.90
CA GLY C 349 13.22 8.32 14.79
C GLY C 349 13.62 8.30 13.32
N PHE C 350 14.92 8.28 13.11
CA PHE C 350 15.49 8.25 11.76
C PHE C 350 16.25 6.94 11.58
N LYS C 351 15.94 6.23 10.50
CA LYS C 351 16.51 4.93 10.23
C LYS C 351 17.23 4.92 8.89
N PRO C 352 18.41 4.33 8.81
CA PRO C 352 19.14 4.32 7.53
C PRO C 352 18.35 3.62 6.44
N LEU C 353 18.54 4.09 5.21
CA LEU C 353 17.76 3.59 4.09
C LEU C 353 18.04 2.13 3.76
N VAL C 354 19.19 1.60 4.19
CA VAL C 354 19.52 0.21 3.91
C VAL C 354 18.70 -0.77 4.73
N LEU C 355 17.97 -0.29 5.73
CA LEU C 355 17.15 -1.14 6.57
C LEU C 355 15.72 -1.28 6.06
N LEU C 356 15.39 -0.63 4.95
CA LEU C 356 14.06 -0.73 4.34
C LEU C 356 14.15 -1.74 3.20
N LYS C 357 13.61 -2.93 3.41
CA LYS C 357 13.69 -3.98 2.42
C LYS C 357 12.76 -3.70 1.25
N LYS C 358 13.24 -4.00 0.04
CA LYS C 358 12.44 -3.75 -1.16
C LYS C 358 11.24 -4.69 -1.24
N HIS C 359 11.35 -5.88 -0.65
CA HIS C 359 10.31 -6.89 -0.74
C HIS C 359 9.30 -6.81 0.40
N HIS C 360 9.38 -5.77 1.24
CA HIS C 360 8.43 -5.58 2.33
C HIS C 360 7.30 -4.64 1.94
N TYR C 361 6.93 -4.61 0.66
CA TYR C 361 5.84 -3.76 0.22
C TYR C 361 4.52 -4.23 0.80
N LEU C 362 3.71 -3.27 1.25
CA LEU C 362 2.41 -3.58 1.83
C LEU C 362 1.26 -2.98 1.04
N ARG C 363 1.27 -1.67 0.82
CA ARG C 363 0.23 -0.98 0.08
C ARG C 363 0.88 0.17 -0.67
N PRO C 364 0.23 0.69 -1.72
CA PRO C 364 0.88 1.72 -2.53
C PRO C 364 1.24 2.94 -1.71
N SER C 365 2.40 3.52 -2.01
CA SER C 365 2.96 4.61 -1.22
C SER C 365 2.22 5.91 -1.48
N LEU C 366 2.41 6.86 -0.57
CA LEU C 366 1.85 8.20 -0.67
C LEU C 366 3.00 9.22 -0.72
N PHE C 367 2.64 10.46 -1.00
CA PHE C 367 3.60 11.54 -1.12
C PHE C 367 3.29 12.61 -0.08
N VAL C 368 4.35 13.14 0.55
CA VAL C 368 4.21 14.11 1.62
C VAL C 368 4.86 15.41 1.17
N TYR C 369 4.09 16.49 1.20
CA TYR C 369 4.55 17.82 0.81
C TYR C 369 4.08 18.83 1.85
N PRO C 370 4.87 19.86 2.13
CA PRO C 370 4.47 20.84 3.15
C PRO C 370 3.25 21.63 2.72
N GLU C 371 2.50 22.09 3.71
CA GLU C 371 1.29 22.89 3.51
C GLU C 371 1.45 24.18 4.31
N GLU C 372 1.97 25.22 3.66
CA GLU C 372 2.20 26.49 4.33
C GLU C 372 0.92 27.20 4.71
N SER C 373 -0.22 26.79 4.14
CA SER C 373 -1.48 27.47 4.44
C SER C 373 -1.87 27.30 5.90
N LEU C 374 -1.66 26.10 6.46
CA LEU C 374 -2.11 25.84 7.83
C LEU C 374 -1.15 26.41 8.86
N VAL C 375 0.11 25.97 8.83
CA VAL C 375 1.11 26.38 9.81
C VAL C 375 2.19 27.16 9.07
N ILE C 376 2.41 28.40 9.48
CA ILE C 376 3.43 29.26 8.86
C ILE C 376 4.80 28.80 9.34
N GLY C 377 5.70 28.58 8.38
CA GLY C 377 7.03 28.10 8.69
C GLY C 377 7.22 26.60 8.51
N SER C 378 6.20 25.89 8.05
CA SER C 378 6.34 24.45 7.84
C SER C 378 7.29 24.15 6.69
N SER C 379 7.28 24.98 5.65
CA SER C 379 8.09 24.70 4.47
C SER C 379 9.59 24.75 4.78
N THR C 380 10.00 25.70 5.63
CA THR C 380 11.42 25.80 5.96
C THR C 380 11.92 24.56 6.70
N LEU C 381 11.16 24.13 7.72
CA LEU C 381 11.54 22.93 8.46
C LEU C 381 11.49 21.71 7.57
N PHE C 382 10.48 21.63 6.71
CA PHE C 382 10.39 20.51 5.78
C PHE C 382 11.59 20.46 4.84
N SER C 383 11.99 21.62 4.31
CA SER C 383 13.14 21.66 3.43
C SER C 383 14.42 21.27 4.14
N ALA C 384 14.60 21.76 5.37
CA ALA C 384 15.79 21.38 6.13
C ALA C 384 15.82 19.88 6.41
N LEU C 385 14.68 19.32 6.80
CA LEU C 385 14.59 17.89 7.05
C LEU C 385 14.89 17.09 5.78
N LEU C 386 14.34 17.52 4.65
CA LEU C 386 14.58 16.81 3.40
C LEU C 386 16.05 16.87 3.01
N ILE C 387 16.66 18.05 3.13
CA ILE C 387 18.07 18.21 2.77
C ILE C 387 18.94 17.31 3.64
N LYS C 388 18.70 17.33 4.95
CA LYS C 388 19.55 16.55 5.85
C LYS C 388 19.30 15.06 5.71
N CYS C 389 18.07 14.64 5.44
CA CYS C 389 17.79 13.24 5.24
C CYS C 389 18.43 12.73 3.95
N LEU C 390 18.40 13.55 2.89
CA LEU C 390 19.07 13.16 1.65
C LEU C 390 20.58 13.09 1.86
N GLU C 391 21.15 14.03 2.60
CA GLU C 391 22.59 14.01 2.85
C GLU C 391 23.00 12.79 3.66
N LYS C 392 22.23 12.44 4.68
CA LYS C 392 22.58 11.35 5.58
C LYS C 392 22.01 10.01 5.13
N GLU C 393 21.20 9.98 4.08
CA GLU C 393 20.61 8.74 3.56
C GLU C 393 19.84 7.99 4.64
N VAL C 394 19.01 8.72 5.37
CA VAL C 394 18.17 8.14 6.42
C VAL C 394 16.72 8.44 6.09
N ALA C 395 15.83 7.60 6.61
CA ALA C 395 14.39 7.75 6.43
C ALA C 395 13.75 7.99 7.79
N ALA C 396 12.86 8.98 7.85
CA ALA C 396 12.14 9.26 9.08
C ALA C 396 11.06 8.22 9.31
N LEU C 397 11.11 7.57 10.47
CA LEU C 397 10.12 6.56 10.84
C LEU C 397 9.04 7.24 11.67
N CYS C 398 7.79 7.12 11.22
CA CYS C 398 6.68 7.78 11.88
C CYS C 398 5.53 6.80 12.07
N ARG C 399 4.66 7.15 13.01
CA ARG C 399 3.41 6.44 13.24
C ARG C 399 2.30 7.19 12.51
N TYR C 400 1.64 6.52 11.59
CA TYR C 400 0.71 7.17 10.66
C TYR C 400 -0.73 6.87 11.06
N THR C 401 -1.51 7.91 11.28
CA THR C 401 -2.94 7.80 11.56
C THR C 401 -3.69 8.66 10.54
N PRO C 402 -4.33 8.05 9.55
CA PRO C 402 -5.00 8.86 8.51
C PRO C 402 -6.12 9.74 9.05
N ARG C 403 -7.07 9.16 9.78
CA ARG C 403 -8.20 9.89 10.30
C ARG C 403 -8.55 9.37 11.69
N ARG C 404 -9.62 9.91 12.26
CA ARG C 404 -10.01 9.56 13.62
C ARG C 404 -10.50 8.12 13.69
N ASN C 405 -10.24 7.50 14.85
CA ASN C 405 -10.68 6.13 15.13
C ASN C 405 -10.18 5.15 14.08
N ILE C 406 -8.86 5.06 13.97
CA ILE C 406 -8.22 4.09 13.09
C ILE C 406 -6.93 3.64 13.75
N PRO C 407 -6.57 2.36 13.68
CA PRO C 407 -5.33 1.91 14.29
C PRO C 407 -4.13 2.52 13.57
N PRO C 408 -3.03 2.75 14.29
CA PRO C 408 -1.86 3.36 13.67
C PRO C 408 -1.08 2.37 12.82
N TYR C 409 -0.29 2.92 11.91
CA TYR C 409 0.60 2.13 11.07
C TYR C 409 1.96 2.80 11.04
N PHE C 410 3.02 2.00 11.08
CA PHE C 410 4.37 2.53 10.98
C PHE C 410 4.72 2.78 9.53
N VAL C 411 5.19 3.98 9.22
CA VAL C 411 5.55 4.35 7.87
C VAL C 411 6.94 4.97 7.88
N ALA C 412 7.62 4.87 6.75
CA ALA C 412 8.94 5.46 6.57
C ALA C 412 8.84 6.60 5.57
N LEU C 413 9.29 7.77 5.96
CA LEU C 413 9.31 8.94 5.07
C LEU C 413 10.65 8.94 4.36
N VAL C 414 10.70 8.29 3.21
CA VAL C 414 11.94 8.18 2.43
C VAL C 414 12.19 9.51 1.74
N PRO C 415 13.33 10.16 2.00
CA PRO C 415 13.61 11.44 1.35
C PRO C 415 13.81 11.25 -0.15
N GLN C 416 13.10 12.04 -0.94
CA GLN C 416 13.13 11.94 -2.39
C GLN C 416 13.45 13.30 -2.98
N GLU C 417 14.38 13.33 -3.92
CA GLU C 417 14.85 14.58 -4.50
C GLU C 417 14.22 14.83 -5.85
N GLU C 418 13.98 16.09 -6.16
CA GLU C 418 13.39 16.47 -7.43
C GLU C 418 14.35 16.17 -8.57
N GLU C 419 13.85 15.50 -9.60
CA GLU C 419 14.62 15.26 -10.83
C GLU C 419 13.78 15.69 -12.01
N LEU C 420 14.43 16.34 -12.98
CA LEU C 420 13.76 16.87 -14.16
C LEU C 420 14.14 16.05 -15.38
N ASP C 421 13.37 16.24 -16.44
CA ASP C 421 13.63 15.62 -17.73
C ASP C 421 14.36 16.62 -18.62
N ASP C 422 14.83 16.14 -19.78
CA ASP C 422 15.47 17.03 -20.73
C ASP C 422 14.51 18.09 -21.26
N GLN C 423 13.21 17.89 -21.11
CA GLN C 423 12.20 18.88 -21.45
C GLN C 423 11.73 19.66 -20.23
N LYS C 424 12.51 19.63 -19.15
CA LYS C 424 12.19 20.33 -17.91
C LYS C 424 10.86 19.88 -17.32
N ILE C 425 10.51 18.62 -17.54
CA ILE C 425 9.31 18.02 -16.95
C ILE C 425 9.71 17.41 -15.61
N GLN C 426 8.93 17.73 -14.57
CA GLN C 426 9.21 17.21 -13.25
C GLN C 426 8.85 15.73 -13.17
N VAL C 427 9.83 14.86 -13.41
CA VAL C 427 9.58 13.43 -13.34
C VAL C 427 9.28 13.01 -11.90
N THR C 428 10.07 13.52 -10.95
CA THR C 428 9.94 13.14 -9.55
C THR C 428 9.78 14.41 -8.71
N PRO C 429 8.68 14.56 -7.97
CA PRO C 429 8.51 15.78 -7.17
C PRO C 429 9.41 15.75 -5.95
N PRO C 430 9.79 16.92 -5.42
CA PRO C 430 10.61 16.95 -4.21
C PRO C 430 9.75 16.79 -2.97
N GLY C 431 10.19 15.95 -2.05
CA GLY C 431 9.44 15.72 -0.83
C GLY C 431 9.79 14.37 -0.24
N PHE C 432 8.85 13.85 0.54
CA PHE C 432 9.01 12.58 1.23
C PHE C 432 8.02 11.56 0.67
N GLN C 433 8.49 10.35 0.46
CA GLN C 433 7.65 9.25 0.00
C GLN C 433 7.22 8.43 1.22
N LEU C 434 5.92 8.34 1.44
CA LEU C 434 5.37 7.66 2.61
C LEU C 434 5.26 6.17 2.30
N VAL C 435 6.20 5.39 2.83
CA VAL C 435 6.26 3.95 2.59
C VAL C 435 5.64 3.24 3.78
N PHE C 436 4.61 2.44 3.53
CA PHE C 436 3.94 1.69 4.58
C PHE C 436 4.79 0.49 4.99
N LEU C 437 4.98 0.33 6.28
CA LEU C 437 5.75 -0.81 6.75
C LEU C 437 4.82 -1.89 7.27
N PRO C 438 4.97 -3.13 6.84
CA PRO C 438 4.07 -4.19 7.30
C PRO C 438 4.30 -4.51 8.76
N PHE C 439 3.24 -4.98 9.42
CA PHE C 439 3.35 -5.48 10.77
C PHE C 439 3.81 -6.94 10.73
N ALA C 440 3.96 -7.53 11.92
CA ALA C 440 4.35 -8.94 11.97
C ALA C 440 3.23 -9.84 11.46
N ASP C 441 1.98 -9.42 11.61
CA ASP C 441 0.87 -10.21 11.10
C ASP C 441 0.83 -10.23 9.58
N ASP C 442 1.22 -9.13 8.94
CA ASP C 442 1.16 -9.05 7.49
C ASP C 442 2.15 -10.01 6.83
N LYS C 443 3.36 -10.14 7.40
CA LYS C 443 4.32 -11.08 6.88
C LYS C 443 3.85 -12.51 7.14
N ARG C 444 4.08 -13.38 6.15
CA ARG C 444 3.62 -14.76 6.22
C ARG C 444 4.80 -15.71 6.02
N LYS C 445 4.92 -16.69 6.92
CA LYS C 445 5.96 -17.70 6.79
C LYS C 445 5.63 -18.65 5.64
N MET C 446 6.67 -19.18 5.02
CA MET C 446 6.51 -19.96 3.81
C MET C 446 7.33 -21.25 3.89
N PRO C 447 6.88 -22.30 3.23
CA PRO C 447 7.59 -23.59 3.31
C PRO C 447 8.98 -23.49 2.71
N PHE C 448 9.90 -24.27 3.26
CA PHE C 448 11.29 -24.21 2.88
C PHE C 448 11.66 -25.42 2.02
N THR C 449 12.66 -25.21 1.17
CA THR C 449 13.20 -26.27 0.32
C THR C 449 14.72 -26.18 0.33
N GLU C 450 15.36 -27.29 -0.01
CA GLU C 450 16.81 -27.27 -0.15
C GLU C 450 17.20 -26.34 -1.29
N LYS C 451 18.20 -25.50 -1.05
CA LYS C 451 18.63 -24.51 -2.03
C LYS C 451 19.48 -25.21 -3.08
N ILE C 452 18.92 -25.35 -4.28
CA ILE C 452 19.63 -25.98 -5.40
C ILE C 452 20.28 -24.89 -6.22
N MET C 453 21.60 -24.93 -6.32
CA MET C 453 22.35 -23.91 -7.05
C MET C 453 22.61 -24.38 -8.48
N ALA C 454 22.81 -23.42 -9.37
CA ALA C 454 23.05 -23.68 -10.77
C ALA C 454 24.53 -23.54 -11.09
N THR C 455 25.00 -24.36 -12.03
CA THR C 455 26.38 -24.28 -12.47
C THR C 455 26.61 -22.98 -13.23
N PRO C 456 27.85 -22.49 -13.28
CA PRO C 456 28.11 -21.23 -13.98
C PRO C 456 27.74 -21.25 -15.46
N GLU C 457 27.80 -22.41 -16.12
CA GLU C 457 27.41 -22.46 -17.53
C GLU C 457 25.92 -22.15 -17.70
N GLN C 458 25.08 -22.72 -16.83
CA GLN C 458 23.65 -22.42 -16.91
C GLN C 458 23.37 -20.95 -16.63
N VAL C 459 24.09 -20.37 -15.66
CA VAL C 459 23.92 -18.95 -15.37
C VAL C 459 24.37 -18.11 -16.56
N GLY C 460 25.42 -18.54 -17.26
CA GLY C 460 25.85 -17.81 -18.43
C GLY C 460 24.84 -17.88 -19.56
N LYS C 461 24.24 -19.05 -19.78
CA LYS C 461 23.19 -19.16 -20.78
C LYS C 461 22.00 -18.28 -20.44
N MET C 462 21.60 -18.27 -19.16
CA MET C 462 20.51 -17.39 -18.75
C MET C 462 20.90 -15.92 -18.89
N LYS C 463 22.17 -15.58 -18.66
CA LYS C 463 22.61 -14.21 -18.87
C LYS C 463 22.47 -13.82 -20.34
N ALA C 464 22.85 -14.72 -21.24
CA ALA C 464 22.68 -14.44 -22.66
C ALA C 464 21.22 -14.26 -23.02
N ILE C 465 20.35 -15.13 -22.47
CA ILE C 465 18.92 -15.01 -22.75
C ILE C 465 18.37 -13.69 -22.22
N VAL C 466 18.79 -13.30 -21.02
CA VAL C 466 18.31 -12.05 -20.44
C VAL C 466 18.79 -10.86 -21.27
N GLU C 467 20.05 -10.87 -21.69
CA GLU C 467 20.58 -9.77 -22.48
C GLU C 467 19.90 -9.68 -23.84
N LYS C 468 19.48 -10.82 -24.40
CA LYS C 468 18.77 -10.80 -25.68
C LYS C 468 17.43 -10.08 -25.55
N LEU C 469 16.73 -10.28 -24.44
CA LEU C 469 15.39 -9.73 -24.24
C LEU C 469 15.41 -8.45 -23.40
N ARG C 470 16.51 -7.71 -23.43
CA ARG C 470 16.58 -6.44 -22.72
C ARG C 470 15.66 -5.41 -23.38
N PHE C 471 14.97 -4.64 -22.55
CA PHE C 471 14.10 -3.58 -23.04
C PHE C 471 13.99 -2.49 -21.99
N THR C 472 13.77 -1.26 -22.45
CA THR C 472 13.66 -0.12 -21.55
C THR C 472 12.23 0.00 -21.04
N TYR C 473 12.09 0.14 -19.72
CA TYR C 473 10.80 0.18 -19.07
C TYR C 473 10.47 1.60 -18.62
N ARG C 474 9.26 2.05 -18.92
CA ARG C 474 8.74 3.32 -18.44
C ARG C 474 7.43 3.07 -17.71
N SER C 475 7.16 3.91 -16.72
CA SER C 475 5.99 3.70 -15.86
C SER C 475 4.68 3.76 -16.63
N ASP C 476 4.66 4.38 -17.81
CA ASP C 476 3.45 4.50 -18.62
C ASP C 476 3.55 3.68 -19.90
N SER C 477 4.27 2.56 -19.87
CA SER C 477 4.47 1.75 -21.06
C SER C 477 3.28 0.85 -21.37
N PHE C 478 2.38 0.65 -20.40
CA PHE C 478 1.31 -0.32 -20.56
C PHE C 478 -0.02 0.30 -20.19
N GLU C 479 -1.07 -0.14 -20.88
CA GLU C 479 -2.43 0.29 -20.62
C GLU C 479 -3.22 -0.88 -20.02
N ASN C 480 -4.33 -0.54 -19.37
CA ASN C 480 -5.17 -1.56 -18.75
C ASN C 480 -6.06 -2.18 -19.82
N PRO C 481 -5.88 -3.46 -20.14
CA PRO C 481 -6.73 -4.07 -21.19
C PRO C 481 -8.20 -4.06 -20.84
N VAL C 482 -8.53 -4.26 -19.56
CA VAL C 482 -9.92 -4.32 -19.15
C VAL C 482 -10.60 -2.96 -19.36
N LEU C 483 -9.95 -1.89 -18.87
CA LEU C 483 -10.53 -0.56 -19.04
C LEU C 483 -10.60 -0.17 -20.51
N GLN C 484 -9.56 -0.48 -21.28
CA GLN C 484 -9.56 -0.14 -22.69
C GLN C 484 -10.71 -0.83 -23.42
N GLN C 485 -10.89 -2.13 -23.17
CA GLN C 485 -11.99 -2.85 -23.82
C GLN C 485 -13.33 -2.33 -23.36
N HIS C 486 -13.49 -2.07 -22.07
CA HIS C 486 -14.76 -1.59 -21.54
C HIS C 486 -15.15 -0.26 -22.19
N PHE C 487 -14.21 0.66 -22.27
CA PHE C 487 -14.52 1.96 -22.85
C PHE C 487 -14.61 1.92 -24.37
N ARG C 488 -13.95 0.96 -25.02
CA ARG C 488 -14.19 0.74 -26.45
C ARG C 488 -15.62 0.28 -26.69
N ASN C 489 -16.11 -0.63 -25.87
CA ASN C 489 -17.50 -1.07 -25.98
C ASN C 489 -18.46 0.09 -25.71
N LEU C 490 -18.15 0.91 -24.71
CA LEU C 490 -18.98 2.07 -24.43
C LEU C 490 -18.99 3.05 -25.59
N GLU C 491 -17.83 3.27 -26.21
CA GLU C 491 -17.77 4.13 -27.39
C GLU C 491 -18.62 3.58 -28.51
N ALA C 492 -18.53 2.26 -28.76
CA ALA C 492 -19.31 1.67 -29.84
C ALA C 492 -20.81 1.81 -29.58
N LEU C 493 -21.23 1.59 -28.33
CA LEU C 493 -22.65 1.67 -28.02
C LEU C 493 -23.15 3.10 -28.08
N ALA C 494 -22.35 4.06 -27.61
CA ALA C 494 -22.78 5.45 -27.61
C ALA C 494 -22.97 5.98 -29.03
N LEU C 495 -22.09 5.62 -29.94
CA LEU C 495 -22.15 6.06 -31.32
C LEU C 495 -22.99 5.15 -32.20
N ASP C 496 -23.64 4.14 -31.61
CA ASP C 496 -24.49 3.19 -32.33
C ASP C 496 -23.71 2.45 -33.41
N LEU C 497 -22.44 2.15 -33.14
CA LEU C 497 -21.64 1.34 -34.05
C LEU C 497 -21.98 -0.14 -33.86
N MET C 498 -22.07 -0.87 -34.97
CA MET C 498 -22.48 -2.26 -34.89
C MET C 498 -21.41 -3.12 -34.22
N GLU C 499 -20.14 -2.96 -34.62
CA GLU C 499 -19.07 -3.77 -34.07
C GLU C 499 -18.07 -2.89 -33.34
N PRO C 500 -17.82 -3.14 -32.06
CA PRO C 500 -16.81 -2.36 -31.34
C PRO C 500 -15.40 -2.64 -31.87
N GLU C 501 -14.55 -1.63 -31.73
CA GLU C 501 -13.14 -1.79 -32.08
C GLU C 501 -12.46 -2.68 -31.04
N GLN C 502 -11.72 -3.67 -31.52
CA GLN C 502 -11.02 -4.60 -30.63
C GLN C 502 -9.71 -3.96 -30.18
N ALA C 503 -9.53 -3.84 -28.88
CA ALA C 503 -8.31 -3.25 -28.34
C ALA C 503 -7.13 -4.18 -28.55
N VAL C 504 -5.95 -3.59 -28.73
CA VAL C 504 -4.72 -4.35 -28.88
C VAL C 504 -4.08 -4.49 -27.51
N ASP C 505 -3.85 -5.73 -27.09
CA ASP C 505 -3.32 -6.01 -25.75
C ASP C 505 -1.80 -5.82 -25.78
N LEU C 506 -1.34 -4.70 -25.22
CA LEU C 506 0.09 -4.45 -25.13
C LEU C 506 0.75 -5.24 -24.00
N THR C 507 -0.04 -5.77 -23.07
CA THR C 507 0.52 -6.56 -21.98
C THR C 507 0.83 -7.99 -22.41
N LEU C 508 0.31 -8.44 -23.54
CA LEU C 508 0.65 -9.76 -24.03
C LEU C 508 2.07 -9.76 -24.57
N PRO C 509 2.89 -10.76 -24.23
CA PRO C 509 4.25 -10.79 -24.76
C PRO C 509 4.27 -11.00 -26.25
N LYS C 510 5.26 -10.39 -26.90
CA LYS C 510 5.50 -10.61 -28.33
C LYS C 510 6.18 -11.96 -28.49
N VAL C 511 5.35 -13.01 -28.49
CA VAL C 511 5.87 -14.37 -28.46
C VAL C 511 6.71 -14.66 -29.70
N GLU C 512 6.19 -14.30 -30.88
CA GLU C 512 6.92 -14.58 -32.10
C GLU C 512 8.18 -13.73 -32.20
N ALA C 513 8.09 -12.45 -31.87
CA ALA C 513 9.26 -11.58 -31.93
C ALA C 513 10.33 -12.05 -30.94
N MET C 514 9.94 -12.40 -29.72
CA MET C 514 10.91 -12.85 -28.73
C MET C 514 11.51 -14.20 -29.12
N ASN C 515 10.70 -15.08 -29.70
CA ASN C 515 11.23 -16.36 -30.17
C ASN C 515 12.25 -16.16 -31.27
N LYS C 516 11.97 -15.26 -32.21
CA LYS C 516 12.93 -14.97 -33.27
C LYS C 516 14.20 -14.33 -32.70
N ARG C 517 14.05 -13.41 -31.75
CA ARG C 517 15.21 -12.73 -31.17
C ARG C 517 16.10 -13.71 -30.40
N LEU C 518 15.51 -14.63 -29.65
CA LEU C 518 16.28 -15.55 -28.83
C LEU C 518 17.07 -16.54 -29.65
N GLY C 519 16.68 -16.78 -30.90
CA GLY C 519 17.39 -17.74 -31.73
C GLY C 519 17.32 -19.14 -31.14
N SER C 520 18.47 -19.80 -31.06
CA SER C 520 18.56 -21.15 -30.56
C SER C 520 19.06 -21.23 -29.12
N LEU C 521 19.11 -20.09 -28.41
CA LEU C 521 19.59 -20.10 -27.04
C LEU C 521 18.69 -20.93 -26.14
N VAL C 522 17.39 -20.97 -26.43
CA VAL C 522 16.47 -21.74 -25.61
C VAL C 522 16.80 -23.23 -25.67
N ASP C 523 17.12 -23.73 -26.87
CA ASP C 523 17.48 -25.13 -27.01
C ASP C 523 18.73 -25.47 -26.21
N GLU C 524 19.74 -24.61 -26.26
CA GLU C 524 20.96 -24.84 -25.49
C GLU C 524 20.67 -24.80 -24.00
N PHE C 525 19.84 -23.86 -23.56
CA PHE C 525 19.50 -23.77 -22.15
C PHE C 525 18.76 -25.02 -21.68
N LYS C 526 17.81 -25.51 -22.49
CA LYS C 526 17.10 -26.73 -22.13
C LYS C 526 18.04 -27.93 -22.09
N GLU C 527 18.99 -27.99 -23.03
CA GLU C 527 19.96 -29.08 -23.02
C GLU C 527 20.82 -29.04 -21.76
N LEU C 528 21.24 -27.83 -21.35
CA LEU C 528 22.11 -27.72 -20.19
C LEU C 528 21.37 -27.87 -18.87
N VAL C 529 20.06 -27.66 -18.85
CA VAL C 529 19.28 -27.68 -17.62
C VAL C 529 18.37 -28.91 -17.56
N TYR C 530 17.44 -29.02 -18.51
CA TYR C 530 16.43 -30.07 -18.42
C TYR C 530 17.02 -31.42 -18.84
N PRO C 531 16.61 -32.50 -18.18
CA PRO C 531 17.03 -33.84 -18.60
C PRO C 531 16.40 -34.20 -19.93
N PRO C 532 16.94 -35.20 -20.64
CA PRO C 532 16.34 -35.58 -21.93
C PRO C 532 14.90 -36.04 -21.81
N ASP C 533 14.53 -36.63 -20.67
CA ASP C 533 13.16 -37.05 -20.41
C ASP C 533 12.56 -36.13 -19.36
N TYR C 534 11.47 -35.45 -19.71
CA TYR C 534 10.86 -34.48 -18.82
C TYR C 534 9.40 -34.23 -19.19
N ASN D 6 -4.64 -29.33 9.34
CA ASN D 6 -5.70 -29.50 10.32
C ASN D 6 -5.46 -28.60 11.53
N LYS D 7 -5.06 -29.20 12.65
CA LYS D 7 -4.90 -28.48 13.90
C LYS D 7 -3.61 -28.92 14.58
N ALA D 8 -3.32 -28.32 15.73
CA ALA D 8 -2.14 -28.66 16.52
C ALA D 8 -2.52 -28.69 17.99
N ALA D 9 -1.75 -29.45 18.75
CA ALA D 9 -1.94 -29.59 20.19
C ALA D 9 -0.86 -28.81 20.92
N VAL D 10 -1.26 -27.89 21.78
CA VAL D 10 -0.35 -27.03 22.52
C VAL D 10 -0.60 -27.23 24.01
N VAL D 11 0.48 -27.44 24.77
CA VAL D 11 0.40 -27.56 26.22
C VAL D 11 1.20 -26.40 26.81
N LEU D 12 0.54 -25.62 27.66
CA LEU D 12 1.17 -24.49 28.32
C LEU D 12 1.58 -24.91 29.73
N CYS D 13 2.88 -24.87 29.99
CA CYS D 13 3.43 -25.25 31.30
C CYS D 13 3.88 -23.97 31.98
N MET D 14 3.11 -23.53 32.97
CA MET D 14 3.32 -22.26 33.64
C MET D 14 3.79 -22.49 35.07
N ASP D 15 4.73 -21.66 35.51
CA ASP D 15 5.26 -21.73 36.87
C ASP D 15 4.44 -20.81 37.77
N VAL D 16 3.88 -21.37 38.84
CA VAL D 16 3.12 -20.60 39.80
C VAL D 16 3.76 -20.76 41.17
N GLY D 17 5.06 -20.98 41.19
CA GLY D 17 5.77 -21.20 42.44
C GLY D 17 5.83 -19.95 43.29
N PHE D 18 6.30 -20.15 44.52
CA PHE D 18 6.38 -19.03 45.47
C PHE D 18 7.34 -17.96 44.97
N THR D 19 8.50 -18.37 44.45
CA THR D 19 9.48 -17.40 43.98
C THR D 19 9.02 -16.65 42.74
N MET D 20 8.00 -17.16 42.04
CA MET D 20 7.50 -16.46 40.85
C MET D 20 6.75 -15.20 41.20
N SER D 21 6.30 -15.06 42.45
CA SER D 21 5.62 -13.85 42.90
C SER D 21 6.56 -12.81 43.48
N ASN D 22 7.86 -13.12 43.57
CA ASN D 22 8.83 -12.16 44.08
C ASN D 22 8.94 -11.00 43.11
N SER D 23 8.41 -9.85 43.49
CA SER D 23 8.33 -8.67 42.62
C SER D 23 9.39 -7.66 43.05
N ILE D 24 10.34 -7.40 42.18
CA ILE D 24 11.27 -6.29 42.38
C ILE D 24 10.49 -4.99 42.29
N PRO D 25 10.68 -4.04 43.21
CA PRO D 25 9.90 -2.80 43.16
C PRO D 25 10.08 -2.06 41.85
N GLY D 26 8.97 -1.57 41.30
CA GLY D 26 8.97 -0.89 40.02
C GLY D 26 8.87 -1.80 38.82
N ILE D 27 8.92 -3.12 39.01
CA ILE D 27 8.85 -4.09 37.92
C ILE D 27 7.80 -5.13 38.28
N GLU D 28 6.97 -5.49 37.31
CA GLU D 28 5.96 -6.51 37.52
C GLU D 28 6.64 -7.86 37.79
N SER D 29 6.01 -8.65 38.65
CA SER D 29 6.54 -9.95 39.00
C SER D 29 6.49 -10.88 37.80
N PRO D 30 7.35 -11.90 37.77
CA PRO D 30 7.30 -12.85 36.65
C PRO D 30 5.95 -13.54 36.50
N PHE D 31 5.24 -13.74 37.60
CA PHE D 31 3.92 -14.37 37.53
C PHE D 31 2.97 -13.53 36.69
N GLU D 32 2.96 -12.21 36.91
CA GLU D 32 2.06 -11.33 36.16
C GLU D 32 2.42 -11.27 34.68
N GLN D 33 3.72 -11.21 34.38
CA GLN D 33 4.14 -11.18 32.98
C GLN D 33 3.79 -12.48 32.27
N ALA D 34 4.01 -13.62 32.93
CA ALA D 34 3.63 -14.90 32.35
C ALA D 34 2.12 -14.98 32.15
N LYS D 35 1.35 -14.46 33.11
CA LYS D 35 -0.09 -14.41 32.95
C LYS D 35 -0.49 -13.59 31.74
N LYS D 36 0.17 -12.45 31.54
CA LYS D 36 -0.14 -11.61 30.39
C LYS D 36 0.18 -12.33 29.08
N VAL D 37 1.31 -13.02 29.01
CA VAL D 37 1.68 -13.71 27.78
C VAL D 37 0.70 -14.84 27.49
N ILE D 38 0.35 -15.62 28.51
CA ILE D 38 -0.59 -16.72 28.33
C ILE D 38 -1.95 -16.17 27.94
N THR D 39 -2.36 -15.05 28.54
CA THR D 39 -3.63 -14.43 28.19
C THR D 39 -3.66 -13.99 26.74
N MET D 40 -2.58 -13.38 26.26
CA MET D 40 -2.53 -12.98 24.86
C MET D 40 -2.61 -14.18 23.93
N PHE D 41 -1.88 -15.25 24.25
CA PHE D 41 -1.91 -16.44 23.43
C PHE D 41 -3.32 -17.04 23.36
N VAL D 42 -3.95 -17.21 24.52
CA VAL D 42 -5.28 -17.82 24.55
C VAL D 42 -6.31 -16.90 23.91
N GLN D 43 -6.16 -15.59 24.08
CA GLN D 43 -7.07 -14.64 23.43
C GLN D 43 -7.01 -14.79 21.92
N ARG D 44 -5.80 -14.84 21.36
CA ARG D 44 -5.68 -15.01 19.91
C ARG D 44 -6.26 -16.35 19.48
N GLN D 45 -6.00 -17.41 20.24
CA GLN D 45 -6.51 -18.72 19.86
C GLN D 45 -8.02 -18.80 19.94
N VAL D 46 -8.64 -18.05 20.84
CA VAL D 46 -10.08 -18.12 21.04
C VAL D 46 -10.82 -17.23 20.06
N PHE D 47 -10.41 -15.96 19.94
CA PHE D 47 -11.14 -15.00 19.13
C PHE D 47 -10.85 -15.14 17.64
N ALA D 48 -9.83 -15.89 17.26
CA ALA D 48 -9.62 -16.25 15.86
C ALA D 48 -10.30 -17.57 15.50
N GLU D 49 -10.92 -18.24 16.47
CA GLU D 49 -11.68 -19.46 16.24
C GLU D 49 -10.83 -20.54 15.56
N ASN D 50 -9.59 -20.67 16.00
CA ASN D 50 -8.74 -21.75 15.53
C ASN D 50 -9.19 -23.07 16.12
N LYS D 51 -8.88 -24.16 15.44
CA LYS D 51 -9.23 -25.50 15.89
C LYS D 51 -8.13 -26.14 16.73
N ASP D 52 -7.12 -25.37 17.12
CA ASP D 52 -6.01 -25.91 17.90
C ASP D 52 -6.49 -26.31 19.30
N GLU D 53 -5.82 -27.31 19.86
CA GLU D 53 -6.14 -27.83 21.19
C GLU D 53 -5.14 -27.29 22.19
N ILE D 54 -5.64 -26.77 23.30
CA ILE D 54 -4.81 -26.10 24.31
C ILE D 54 -5.03 -26.79 25.65
N ALA D 55 -3.92 -27.13 26.32
CA ALA D 55 -3.95 -27.65 27.67
C ALA D 55 -3.04 -26.81 28.55
N LEU D 56 -3.40 -26.68 29.82
CA LEU D 56 -2.68 -25.84 30.77
C LEU D 56 -2.19 -26.70 31.92
N VAL D 57 -0.89 -26.63 32.20
CA VAL D 57 -0.27 -27.37 33.29
C VAL D 57 0.42 -26.36 34.20
N LEU D 58 0.10 -26.42 35.49
CA LEU D 58 0.69 -25.54 36.49
C LEU D 58 1.52 -26.37 37.46
N PHE D 59 2.77 -25.96 37.66
CA PHE D 59 3.65 -26.61 38.62
C PHE D 59 4.11 -25.60 39.66
N GLY D 60 4.16 -26.04 40.91
CA GLY D 60 4.39 -25.16 42.03
C GLY D 60 3.16 -24.85 42.85
N THR D 61 2.03 -25.48 42.56
CA THR D 61 0.80 -25.23 43.30
C THR D 61 0.85 -25.91 44.66
N ASP D 62 -0.04 -25.48 45.56
CA ASP D 62 -0.15 -26.12 46.85
C ASP D 62 -0.62 -27.56 46.73
N GLY D 63 -1.60 -27.81 45.85
CA GLY D 63 -2.12 -29.13 45.63
C GLY D 63 -1.33 -29.91 44.61
N THR D 64 -1.87 -31.06 44.23
CA THR D 64 -1.23 -31.94 43.25
C THR D 64 -2.32 -32.70 42.49
N ASP D 65 -2.37 -32.53 41.18
CA ASP D 65 -3.38 -33.19 40.36
C ASP D 65 -2.75 -33.46 39.00
N ASN D 66 -2.19 -34.66 38.83
CA ASN D 66 -1.64 -35.10 37.56
C ASN D 66 -1.65 -36.61 37.54
N PRO D 67 -1.71 -37.24 36.36
CA PRO D 67 -1.74 -38.70 36.32
C PRO D 67 -0.37 -39.33 36.48
N LEU D 68 0.42 -38.80 37.41
CA LEU D 68 1.74 -39.35 37.71
C LEU D 68 2.05 -39.30 39.20
N SER D 69 1.10 -38.90 40.04
CA SER D 69 1.34 -38.72 41.46
C SER D 69 1.53 -40.03 42.21
N GLY D 70 1.26 -41.17 41.58
CA GLY D 70 1.42 -42.45 42.23
C GLY D 70 2.84 -42.69 42.70
N GLY D 71 3.03 -42.79 44.00
CA GLY D 71 4.34 -42.99 44.58
C GLY D 71 5.02 -41.75 45.12
N ASP D 72 4.25 -40.72 45.47
CA ASP D 72 4.80 -39.47 46.01
C ASP D 72 5.81 -38.85 45.05
N GLN D 73 5.50 -38.90 43.75
CA GLN D 73 6.35 -38.36 42.72
C GLN D 73 5.61 -37.27 41.96
N TYR D 74 6.39 -36.34 41.39
CA TYR D 74 5.86 -35.21 40.62
C TYR D 74 4.86 -34.40 41.47
N GLN D 75 5.26 -34.12 42.70
CA GLN D 75 4.39 -33.38 43.60
C GLN D 75 4.29 -31.91 43.19
N ASN D 76 3.22 -31.27 43.65
CA ASN D 76 2.98 -29.85 43.41
C ASN D 76 2.90 -29.52 41.92
N ILE D 77 2.37 -30.44 41.13
CA ILE D 77 2.11 -30.21 39.71
C ILE D 77 0.64 -30.51 39.46
N THR D 78 -0.07 -29.54 38.86
CA THR D 78 -1.50 -29.64 38.65
C THR D 78 -1.81 -29.44 37.18
N VAL D 79 -2.59 -30.35 36.61
CA VAL D 79 -3.08 -30.22 35.24
C VAL D 79 -4.40 -29.46 35.34
N HIS D 80 -4.32 -28.13 35.17
CA HIS D 80 -5.50 -27.30 35.34
C HIS D 80 -6.54 -27.58 34.27
N ARG D 81 -6.11 -27.77 33.02
CA ARG D 81 -7.04 -27.98 31.93
C ARG D 81 -6.45 -29.03 30.98
N HIS D 82 -7.29 -29.96 30.54
CA HIS D 82 -6.85 -31.00 29.63
C HIS D 82 -6.94 -30.51 28.18
N LEU D 83 -6.51 -31.36 27.25
CA LEU D 83 -6.49 -31.01 25.84
C LEU D 83 -7.92 -30.87 25.33
N MET D 84 -8.34 -29.65 25.07
CA MET D 84 -9.65 -29.38 24.49
C MET D 84 -9.61 -28.01 23.83
N LEU D 85 -10.65 -27.71 23.08
CA LEU D 85 -10.75 -26.41 22.44
C LEU D 85 -10.82 -25.30 23.49
N PRO D 86 -10.00 -24.27 23.38
CA PRO D 86 -10.06 -23.19 24.36
C PRO D 86 -11.39 -22.44 24.30
N ASP D 87 -11.81 -21.93 25.45
CA ASP D 87 -13.07 -21.21 25.56
C ASP D 87 -12.90 -20.08 26.57
N PHE D 88 -14.01 -19.36 26.83
CA PHE D 88 -13.96 -18.26 27.77
C PHE D 88 -13.76 -18.73 29.21
N ASP D 89 -14.07 -19.99 29.50
CA ASP D 89 -13.81 -20.52 30.83
C ASP D 89 -12.31 -20.51 31.13
N LEU D 90 -11.50 -20.90 30.14
CA LEU D 90 -10.05 -20.88 30.32
C LEU D 90 -9.54 -19.46 30.54
N LEU D 91 -10.06 -18.50 29.78
CA LEU D 91 -9.63 -17.11 29.95
C LEU D 91 -10.03 -16.58 31.33
N GLU D 92 -11.24 -16.90 31.77
CA GLU D 92 -11.68 -16.46 33.09
C GLU D 92 -10.83 -17.09 34.18
N ASP D 93 -10.48 -18.36 34.02
CA ASP D 93 -9.62 -19.02 35.01
C ASP D 93 -8.24 -18.39 35.04
N ILE D 94 -7.68 -18.08 33.86
CA ILE D 94 -6.35 -17.47 33.80
C ILE D 94 -6.36 -16.10 34.45
N GLU D 95 -7.39 -15.29 34.17
CA GLU D 95 -7.41 -13.92 34.67
C GLU D 95 -7.59 -13.88 36.18
N SER D 96 -8.53 -14.66 36.72
CA SER D 96 -8.90 -14.54 38.12
C SER D 96 -8.64 -15.81 38.93
N LYS D 97 -9.10 -16.96 38.46
CA LYS D 97 -9.12 -18.17 39.29
C LYS D 97 -7.72 -18.61 39.67
N ILE D 98 -6.78 -18.56 38.73
CA ILE D 98 -5.43 -19.05 38.98
C ILE D 98 -4.72 -18.13 39.95
N GLN D 99 -4.15 -18.70 41.00
CA GLN D 99 -3.44 -17.94 42.02
C GLN D 99 -2.07 -18.54 42.25
N PRO D 100 -1.08 -17.72 42.60
CA PRO D 100 0.27 -18.25 42.84
C PRO D 100 0.29 -19.16 44.05
N GLY D 101 1.16 -20.17 43.98
CA GLY D 101 1.31 -21.13 45.06
C GLY D 101 2.41 -20.74 46.03
N SER D 102 2.65 -21.64 46.98
CA SER D 102 3.68 -21.43 48.00
C SER D 102 4.75 -22.51 47.97
N GLN D 103 4.65 -23.50 47.09
CA GLN D 103 5.60 -24.59 47.01
C GLN D 103 6.53 -24.40 45.82
N GLN D 104 7.43 -25.35 45.64
CA GLN D 104 8.38 -25.34 44.53
C GLN D 104 8.34 -26.70 43.85
N ALA D 105 8.40 -26.69 42.52
CA ALA D 105 8.34 -27.90 41.73
C ALA D 105 9.45 -27.90 40.70
N ASP D 106 9.95 -29.10 40.39
CA ASP D 106 10.94 -29.25 39.34
C ASP D 106 10.31 -28.94 37.98
N PHE D 107 10.96 -28.06 37.22
CA PHE D 107 10.42 -27.73 35.91
C PHE D 107 10.64 -28.85 34.91
N LEU D 108 11.65 -29.69 35.13
CA LEU D 108 11.81 -30.87 34.28
C LEU D 108 10.72 -31.91 34.56
N ASP D 109 10.33 -32.05 35.82
CA ASP D 109 9.19 -32.91 36.13
C ASP D 109 7.91 -32.38 35.50
N ALA D 110 7.74 -31.06 35.51
CA ALA D 110 6.59 -30.45 34.84
C ALA D 110 6.64 -30.70 33.33
N LEU D 111 7.84 -30.65 32.75
CA LEU D 111 7.98 -30.97 31.34
C LEU D 111 7.61 -32.42 31.07
N ILE D 112 7.98 -33.33 31.97
CA ILE D 112 7.59 -34.73 31.84
C ILE D 112 6.08 -34.88 31.89
N VAL D 113 5.43 -34.16 32.82
CA VAL D 113 3.99 -34.23 32.94
C VAL D 113 3.32 -33.70 31.68
N SER D 114 3.83 -32.59 31.13
CA SER D 114 3.29 -32.04 29.90
C SER D 114 3.46 -33.01 28.74
N MET D 115 4.63 -33.67 28.66
CA MET D 115 4.85 -34.66 27.61
C MET D 115 3.89 -35.82 27.75
N ASP D 116 3.63 -36.26 28.98
CA ASP D 116 2.67 -37.34 29.20
C ASP D 116 1.27 -36.90 28.78
N VAL D 117 0.90 -35.66 29.07
CA VAL D 117 -0.40 -35.15 28.65
C VAL D 117 -0.51 -35.17 27.14
N ILE D 118 0.54 -34.71 26.46
CA ILE D 118 0.54 -34.71 25.00
C ILE D 118 0.42 -36.13 24.46
N GLN D 119 1.16 -37.07 25.05
CA GLN D 119 1.17 -38.44 24.53
C GLN D 119 -0.15 -39.16 24.79
N HIS D 120 -0.81 -38.87 25.90
CA HIS D 120 -2.01 -39.62 26.25
C HIS D 120 -3.28 -38.99 25.67
N GLU D 121 -3.43 -37.67 25.75
CA GLU D 121 -4.67 -37.04 25.35
C GLU D 121 -4.78 -36.84 23.84
N THR D 122 -3.73 -37.11 23.08
CA THR D 122 -3.79 -36.99 21.63
C THR D 122 -4.18 -38.29 20.95
N ILE D 123 -4.48 -39.34 21.72
CA ILE D 123 -4.86 -40.62 21.13
C ILE D 123 -6.20 -40.47 20.43
N GLY D 124 -6.29 -40.98 19.20
CA GLY D 124 -7.50 -40.87 18.42
C GLY D 124 -7.49 -39.67 17.50
N LYS D 125 -7.39 -38.47 18.07
CA LYS D 125 -7.35 -37.27 17.26
C LYS D 125 -6.03 -37.15 16.51
N LYS D 126 -6.05 -36.42 15.41
CA LYS D 126 -4.89 -36.22 14.56
C LYS D 126 -4.38 -34.79 14.72
N PHE D 127 -3.08 -34.64 14.94
CA PHE D 127 -2.45 -33.34 15.12
C PHE D 127 -1.18 -33.28 14.28
N GLU D 128 -1.09 -32.27 13.43
CA GLU D 128 0.15 -32.08 12.67
C GLU D 128 1.32 -31.75 13.57
N LYS D 129 1.10 -30.87 14.56
CA LYS D 129 2.18 -30.41 15.43
C LYS D 129 1.79 -30.57 16.89
N ARG D 130 2.74 -31.00 17.69
CA ARG D 130 2.62 -31.04 19.15
C ARG D 130 3.63 -30.06 19.72
N HIS D 131 3.13 -29.07 20.47
CA HIS D 131 3.97 -27.98 20.96
C HIS D 131 3.82 -27.86 22.48
N ILE D 132 4.93 -27.58 23.15
CA ILE D 132 4.95 -27.35 24.58
C ILE D 132 5.68 -26.04 24.84
N GLU D 133 5.04 -25.14 25.59
CA GLU D 133 5.65 -23.88 25.98
C GLU D 133 5.76 -23.83 27.49
N ILE D 134 6.96 -23.52 27.98
CA ILE D 134 7.25 -23.52 29.41
C ILE D 134 7.52 -22.09 29.85
N PHE D 135 6.78 -21.64 30.86
CA PHE D 135 6.97 -20.32 31.46
C PHE D 135 7.50 -20.53 32.87
N THR D 136 8.74 -20.08 33.10
CA THR D 136 9.37 -20.28 34.40
C THR D 136 10.51 -19.29 34.56
N ASP D 137 11.00 -19.18 35.79
CA ASP D 137 12.16 -18.35 36.10
C ASP D 137 13.41 -19.15 36.40
N LEU D 138 13.31 -20.48 36.41
CA LEU D 138 14.46 -21.37 36.59
C LEU D 138 15.20 -21.11 37.90
N SER D 139 14.48 -20.64 38.91
CA SER D 139 15.07 -20.31 40.20
C SER D 139 14.70 -21.33 41.27
N SER D 140 14.63 -22.60 40.89
CA SER D 140 14.29 -23.67 41.81
C SER D 140 15.21 -24.85 41.59
N ARG D 141 15.41 -25.63 42.65
CA ARG D 141 16.23 -26.83 42.57
C ARG D 141 15.57 -27.88 41.69
N PHE D 142 16.38 -28.50 40.85
CA PHE D 142 15.88 -29.45 39.87
C PHE D 142 16.87 -30.60 39.73
N SER D 143 16.36 -31.74 39.28
CA SER D 143 17.16 -32.95 39.09
C SER D 143 17.45 -33.17 37.62
N LYS D 144 18.59 -33.79 37.34
CA LYS D 144 19.05 -34.00 35.98
C LYS D 144 19.10 -35.48 35.58
N SER D 145 18.47 -36.36 36.37
CA SER D 145 18.53 -37.79 36.06
C SER D 145 17.65 -38.15 34.87
N GLN D 146 16.58 -37.38 34.64
CA GLN D 146 15.59 -37.69 33.62
C GLN D 146 15.88 -36.98 32.30
N LEU D 147 17.05 -36.33 32.18
CA LEU D 147 17.30 -35.45 31.04
C LEU D 147 17.37 -36.23 29.73
N ASP D 148 18.15 -37.32 29.70
CA ASP D 148 18.38 -38.02 28.46
C ASP D 148 17.09 -38.62 27.90
N ILE D 149 16.29 -39.25 28.76
CA ILE D 149 15.02 -39.81 28.29
C ILE D 149 14.05 -38.71 27.94
N ILE D 150 14.13 -37.55 28.59
CA ILE D 150 13.31 -36.40 28.20
C ILE D 150 13.63 -36.00 26.77
N ILE D 151 14.92 -35.89 26.44
CA ILE D 151 15.31 -35.52 25.09
C ILE D 151 14.88 -36.58 24.09
N HIS D 152 15.06 -37.86 24.46
CA HIS D 152 14.69 -38.94 23.56
C HIS D 152 13.20 -38.94 23.27
N SER D 153 12.38 -38.74 24.31
CA SER D 153 10.93 -38.70 24.12
C SER D 153 10.50 -37.49 23.31
N LEU D 154 11.15 -36.34 23.53
CA LEU D 154 10.83 -35.16 22.75
C LEU D 154 11.16 -35.37 21.27
N LYS D 155 12.30 -36.00 20.99
CA LYS D 155 12.69 -36.23 19.60
C LYS D 155 11.80 -37.27 18.93
N LYS D 156 11.57 -38.40 19.60
CA LYS D 156 10.85 -39.50 18.97
C LYS D 156 9.36 -39.24 18.83
N CYS D 157 8.79 -38.37 19.67
CA CYS D 157 7.37 -38.06 19.59
C CYS D 157 7.07 -36.83 18.75
N ASP D 158 8.10 -36.19 18.19
CA ASP D 158 7.94 -35.01 17.34
C ASP D 158 7.21 -33.90 18.09
N ILE D 159 7.82 -33.44 19.18
CA ILE D 159 7.25 -32.41 20.05
C ILE D 159 8.19 -31.21 20.02
N SER D 160 7.65 -30.05 19.67
CA SER D 160 8.42 -28.82 19.71
C SER D 160 8.48 -28.28 21.13
N LEU D 161 9.38 -27.33 21.35
CA LEU D 161 9.59 -26.77 22.67
C LEU D 161 9.94 -25.29 22.55
N GLN D 162 9.47 -24.50 23.51
CA GLN D 162 9.83 -23.10 23.63
C GLN D 162 9.94 -22.74 25.10
N PHE D 163 10.77 -21.75 25.40
CA PHE D 163 11.02 -21.34 26.78
C PHE D 163 10.83 -19.85 26.91
N PHE D 164 10.17 -19.43 27.98
CA PHE D 164 9.94 -18.02 28.28
C PHE D 164 10.42 -17.76 29.70
N LEU D 165 11.30 -16.79 29.85
CA LEU D 165 11.96 -16.48 31.11
C LEU D 165 11.80 -15.00 31.42
N PRO D 166 11.87 -14.62 32.70
CA PRO D 166 11.75 -13.20 33.05
C PRO D 166 12.87 -12.33 32.48
N PHE D 167 14.00 -12.93 32.11
CA PHE D 167 15.16 -12.19 31.64
C PHE D 167 15.49 -12.59 30.21
N SER D 168 15.94 -11.63 29.42
CA SER D 168 16.35 -11.92 28.05
C SER D 168 17.67 -12.71 28.04
N LEU D 169 17.85 -13.50 27.00
CA LEU D 169 19.03 -14.35 26.89
C LEU D 169 20.22 -13.60 26.28
N GLY D 170 20.00 -12.96 25.14
CA GLY D 170 21.06 -12.23 24.46
C GLY D 170 21.46 -10.95 25.19
N GLY D 181 18.60 1.44 32.34
CA GLY D 181 17.72 2.39 32.97
C GLY D 181 16.42 1.77 33.45
N PRO D 182 15.33 2.54 33.40
CA PRO D 182 14.03 2.01 33.83
C PRO D 182 13.59 0.86 32.94
N PHE D 183 12.84 -0.06 33.54
CA PHE D 183 12.33 -1.24 32.84
C PHE D 183 10.86 -1.01 32.48
N ARG D 184 10.54 -1.19 31.20
CA ARG D 184 9.17 -1.05 30.72
C ARG D 184 8.77 -2.37 30.07
N LEU D 185 7.60 -2.89 30.48
CA LEU D 185 7.12 -4.14 29.92
C LEU D 185 6.74 -3.97 28.46
N GLY D 186 7.24 -4.86 27.61
CA GLY D 186 7.00 -4.76 26.19
C GLY D 186 7.84 -3.72 25.47
N GLY D 187 8.83 -3.14 26.14
CA GLY D 187 9.66 -2.11 25.53
C GLY D 187 10.71 -2.69 24.61
N HIS D 188 11.54 -1.78 24.09
CA HIS D 188 12.60 -2.13 23.13
C HIS D 188 13.95 -1.80 23.76
N GLY D 189 14.66 -2.83 24.21
CA GLY D 189 16.03 -2.66 24.63
C GLY D 189 16.36 -2.98 26.08
N PRO D 190 15.55 -2.52 27.03
CA PRO D 190 15.82 -2.86 28.43
C PRO D 190 15.73 -4.36 28.68
N SER D 191 16.62 -4.85 29.53
CA SER D 191 16.64 -6.26 29.90
C SER D 191 17.21 -6.40 31.29
N PHE D 192 16.89 -7.51 31.94
CA PHE D 192 17.38 -7.75 33.30
C PHE D 192 18.88 -7.97 33.27
N PRO D 193 19.59 -7.59 34.34
CA PRO D 193 21.04 -7.81 34.40
C PRO D 193 21.35 -9.30 34.43
N LEU D 194 22.15 -9.76 33.46
CA LEU D 194 22.52 -11.17 33.41
C LEU D 194 23.34 -11.57 34.62
N LYS D 195 24.13 -10.65 35.17
CA LYS D 195 24.85 -10.89 36.41
C LYS D 195 23.97 -10.76 37.64
N GLY D 196 22.76 -10.22 37.49
CA GLY D 196 21.81 -10.07 38.58
C GLY D 196 20.94 -11.28 38.85
N ILE D 197 21.19 -12.40 38.16
CA ILE D 197 20.44 -13.62 38.37
C ILE D 197 21.20 -14.52 39.33
N THR D 198 20.48 -15.45 39.94
CA THR D 198 21.07 -16.33 40.94
C THR D 198 21.83 -17.47 40.28
N GLU D 199 22.63 -18.17 41.09
CA GLU D 199 23.38 -19.32 40.59
C GLU D 199 22.43 -20.44 40.14
N GLN D 200 21.35 -20.65 40.88
CA GLN D 200 20.35 -21.63 40.46
C GLN D 200 19.76 -21.25 39.10
N GLN D 201 19.51 -19.96 38.89
CA GLN D 201 19.03 -19.51 37.60
C GLN D 201 20.06 -19.77 36.51
N LYS D 202 21.35 -19.60 36.83
CA LYS D 202 22.39 -19.88 35.85
C LYS D 202 22.43 -21.35 35.49
N GLU D 203 22.30 -22.23 36.48
CA GLU D 203 22.28 -23.66 36.20
C GLU D 203 21.06 -24.03 35.35
N GLY D 204 19.89 -23.48 35.69
CA GLY D 204 18.71 -23.72 34.89
C GLY D 204 18.87 -23.23 33.46
N LEU D 205 19.50 -22.07 33.30
CA LEU D 205 19.74 -21.53 31.95
C LEU D 205 20.67 -22.45 31.16
N GLU D 206 21.72 -22.96 31.81
CA GLU D 206 22.62 -23.90 31.13
C GLU D 206 21.87 -25.15 30.70
N ILE D 207 20.99 -25.66 31.57
CA ILE D 207 20.27 -26.89 31.25
C ILE D 207 19.30 -26.66 30.09
N VAL D 208 18.54 -25.56 30.11
CA VAL D 208 17.62 -25.32 29.00
C VAL D 208 18.40 -25.06 27.72
N LYS D 209 19.56 -24.41 27.81
CA LYS D 209 20.40 -24.21 26.64
C LYS D 209 20.82 -25.54 26.04
N MET D 210 21.27 -26.47 26.88
CA MET D 210 21.67 -27.78 26.36
C MET D 210 20.49 -28.54 25.78
N VAL D 211 19.32 -28.42 26.41
CA VAL D 211 18.13 -29.10 25.91
C VAL D 211 17.77 -28.58 24.53
N MET D 212 17.80 -27.26 24.35
CA MET D 212 17.41 -26.68 23.09
C MET D 212 18.47 -26.87 22.01
N ILE D 213 19.74 -26.99 22.42
CA ILE D 213 20.78 -27.39 21.46
C ILE D 213 20.51 -28.80 20.96
N SER D 214 20.18 -29.71 21.88
CA SER D 214 19.92 -31.09 21.49
C SER D 214 18.68 -31.18 20.59
N LEU D 215 17.64 -30.43 20.90
CA LEU D 215 16.37 -30.58 20.20
C LEU D 215 16.48 -30.16 18.75
N GLU D 216 17.00 -28.96 18.48
CA GLU D 216 17.05 -28.44 17.12
C GLU D 216 18.39 -27.82 16.71
N GLY D 217 19.26 -27.47 17.65
CA GLY D 217 20.56 -26.95 17.28
C GLY D 217 20.77 -25.50 17.67
N GLU D 218 21.55 -24.77 16.85
CA GLU D 218 21.90 -23.40 17.19
C GLU D 218 20.68 -22.48 17.23
N ASP D 219 19.59 -22.86 16.59
CA ASP D 219 18.35 -22.08 16.67
C ASP D 219 17.66 -22.21 18.02
N GLY D 220 18.11 -23.14 18.87
CA GLY D 220 17.53 -23.25 20.20
C GLY D 220 17.68 -21.98 21.00
N LEU D 221 18.82 -21.30 20.88
CA LEU D 221 18.97 -20.01 21.53
C LEU D 221 17.97 -19.01 20.97
N ASP D 222 17.74 -19.06 19.66
CA ASP D 222 16.76 -18.18 19.04
C ASP D 222 15.34 -18.48 19.51
N GLU D 223 15.07 -19.70 19.97
CA GLU D 223 13.75 -20.07 20.43
C GLU D 223 13.61 -20.01 21.95
N ILE D 224 14.42 -19.19 22.61
CA ILE D 224 14.27 -18.88 24.02
C ILE D 224 13.99 -17.39 24.13
N TYR D 225 12.84 -17.04 24.71
CA TYR D 225 12.37 -15.67 24.73
C TYR D 225 12.20 -15.18 26.16
N SER D 226 11.84 -13.92 26.28
CA SER D 226 11.50 -13.30 27.55
C SER D 226 10.05 -12.82 27.50
N PHE D 227 9.45 -12.67 28.68
CA PHE D 227 8.04 -12.28 28.74
C PHE D 227 7.82 -10.94 28.06
N SER D 228 8.60 -9.93 28.42
CA SER D 228 8.46 -8.61 27.79
C SER D 228 8.75 -8.68 26.31
N GLU D 229 9.79 -9.42 25.92
CA GLU D 229 10.12 -9.57 24.50
C GLU D 229 9.01 -10.28 23.75
N SER D 230 8.44 -11.33 24.35
CA SER D 230 7.39 -12.10 23.68
C SER D 230 6.07 -11.34 23.61
N LEU D 231 5.86 -10.37 24.50
CA LEU D 231 4.62 -9.59 24.44
C LEU D 231 4.54 -8.74 23.18
N ARG D 232 5.66 -8.44 22.53
CA ARG D 232 5.70 -7.64 21.32
C ARG D 232 6.13 -8.45 20.11
N LYS D 233 5.83 -9.75 20.11
CA LYS D 233 6.20 -10.64 19.01
C LYS D 233 5.12 -11.69 18.87
N LEU D 234 5.11 -12.35 17.70
CA LEU D 234 4.25 -13.50 17.47
C LEU D 234 5.00 -14.81 17.64
N CYS D 235 5.99 -14.83 18.54
CA CYS D 235 6.78 -16.04 18.76
C CYS D 235 6.00 -17.16 19.41
N VAL D 236 4.94 -16.84 20.15
CA VAL D 236 4.13 -17.89 20.78
C VAL D 236 3.40 -18.70 19.72
N PHE D 237 2.95 -18.05 18.64
CA PHE D 237 2.25 -18.73 17.57
C PHE D 237 3.17 -19.22 16.47
N LYS D 238 4.50 -19.05 16.62
CA LYS D 238 5.41 -19.36 15.53
C LYS D 238 5.34 -20.81 15.12
N LYS D 239 5.24 -21.72 16.09
CA LYS D 239 5.13 -23.14 15.80
C LYS D 239 3.69 -23.57 15.52
N ILE D 240 2.75 -22.63 15.48
CA ILE D 240 1.35 -22.94 15.29
C ILE D 240 0.83 -22.48 13.94
N GLU D 241 1.39 -21.41 13.37
CA GLU D 241 0.86 -20.85 12.13
C GLU D 241 0.83 -21.89 11.02
N ARG D 242 -0.27 -21.91 10.28
CA ARG D 242 -0.43 -22.80 9.15
C ARG D 242 0.18 -22.16 7.92
N HIS D 243 0.92 -22.95 7.14
CA HIS D 243 1.56 -22.45 5.94
C HIS D 243 0.52 -22.11 4.87
N SER D 244 0.86 -21.13 4.04
CA SER D 244 -0.02 -20.70 2.97
C SER D 244 -0.07 -21.75 1.85
N ILE D 245 -1.05 -21.61 0.98
CA ILE D 245 -1.24 -22.53 -0.13
C ILE D 245 -0.53 -21.98 -1.36
N HIS D 246 0.20 -22.85 -2.06
CA HIS D 246 0.93 -22.43 -3.23
C HIS D 246 0.00 -22.22 -4.41
N TRP D 247 0.43 -21.39 -5.35
CA TRP D 247 -0.31 -21.11 -6.57
C TRP D 247 0.47 -21.65 -7.75
N PRO D 248 0.11 -22.83 -8.26
CA PRO D 248 0.92 -23.44 -9.32
C PRO D 248 0.74 -22.73 -10.65
N CYS D 249 1.85 -22.54 -11.36
CA CYS D 249 1.83 -21.94 -12.68
C CYS D 249 3.17 -22.23 -13.35
N ARG D 250 3.32 -21.74 -14.57
CA ARG D 250 4.54 -21.90 -15.35
C ARG D 250 5.06 -20.52 -15.72
N LEU D 251 6.35 -20.29 -15.45
CA LEU D 251 7.01 -19.06 -15.86
C LEU D 251 7.50 -19.25 -17.29
N THR D 252 6.92 -18.51 -18.23
CA THR D 252 7.19 -18.69 -19.65
C THR D 252 8.02 -17.52 -20.17
N ILE D 253 9.11 -17.83 -20.85
CA ILE D 253 9.91 -16.84 -21.55
C ILE D 253 9.83 -17.14 -23.04
N GLY D 254 8.89 -16.51 -23.72
CA GLY D 254 8.62 -16.84 -25.11
C GLY D 254 7.58 -17.94 -25.20
N SER D 255 7.77 -18.87 -26.14
CA SER D 255 6.87 -20.00 -26.28
C SER D 255 7.57 -21.35 -26.17
N ASN D 256 8.90 -21.38 -26.22
CA ASN D 256 9.65 -22.62 -26.14
C ASN D 256 10.35 -22.82 -24.80
N LEU D 257 10.26 -21.84 -23.89
CA LEU D 257 10.87 -21.94 -22.58
C LEU D 257 9.81 -21.80 -21.51
N SER D 258 9.70 -22.79 -20.64
CA SER D 258 8.71 -22.79 -19.57
C SER D 258 9.32 -23.41 -18.32
N ILE D 259 9.08 -22.76 -17.18
CA ILE D 259 9.59 -23.22 -15.89
C ILE D 259 8.42 -23.38 -14.94
N ARG D 260 8.26 -24.57 -14.37
CA ARG D 260 7.20 -24.79 -13.41
C ARG D 260 7.53 -24.10 -12.09
N ILE D 261 6.60 -23.30 -11.60
CA ILE D 261 6.81 -22.49 -10.41
C ILE D 261 5.66 -22.67 -9.43
N ALA D 262 5.90 -22.26 -8.19
CA ALA D 262 4.88 -22.18 -7.17
C ALA D 262 5.03 -20.84 -6.46
N ALA D 263 3.93 -20.10 -6.33
CA ALA D 263 3.95 -18.76 -5.78
C ALA D 263 3.22 -18.73 -4.44
N TYR D 264 3.79 -18.02 -3.49
CA TYR D 264 3.21 -17.83 -2.16
C TYR D 264 3.10 -16.35 -1.87
N LYS D 265 2.11 -15.99 -1.04
CA LYS D 265 1.91 -14.60 -0.64
C LYS D 265 2.78 -14.34 0.58
N SER D 266 3.92 -13.66 0.35
CA SER D 266 4.81 -13.36 1.46
C SER D 266 4.27 -12.23 2.32
N ILE D 267 3.69 -11.21 1.70
CA ILE D 267 3.11 -10.07 2.41
C ILE D 267 1.64 -9.98 2.04
N LEU D 268 0.78 -9.94 3.05
CA LEU D 268 -0.65 -9.77 2.83
C LEU D 268 -1.25 -9.20 4.10
N GLN D 269 -1.88 -8.03 4.01
CA GLN D 269 -2.37 -7.35 5.20
C GLN D 269 -3.43 -8.19 5.91
N GLU D 270 -3.28 -8.32 7.22
CA GLU D 270 -4.21 -9.08 8.03
C GLU D 270 -5.41 -8.22 8.41
N ARG D 271 -6.60 -8.79 8.30
CA ARG D 271 -7.83 -8.10 8.63
C ARG D 271 -8.62 -8.94 9.62
N VAL D 272 -9.52 -8.29 10.35
CA VAL D 272 -10.38 -8.99 11.29
C VAL D 272 -11.35 -9.86 10.51
N LYS D 273 -11.28 -11.18 10.73
CA LYS D 273 -12.14 -12.08 9.99
C LYS D 273 -13.59 -11.96 10.44
N LYS D 274 -13.83 -11.90 11.75
CA LYS D 274 -15.18 -11.77 12.26
C LYS D 274 -15.75 -10.40 11.94
N THR D 275 -17.06 -10.35 11.77
CA THR D 275 -17.76 -9.14 11.37
C THR D 275 -18.78 -8.75 12.44
N TRP D 276 -19.00 -7.44 12.58
CA TRP D 276 -19.97 -6.94 13.54
C TRP D 276 -21.37 -7.06 12.97
N THR D 277 -22.25 -7.73 13.69
CA THR D 277 -23.62 -7.95 13.25
C THR D 277 -24.53 -6.92 13.89
N VAL D 278 -25.36 -6.28 13.08
CA VAL D 278 -26.31 -5.29 13.57
C VAL D 278 -27.53 -6.02 14.11
N VAL D 279 -27.83 -5.81 15.40
CA VAL D 279 -28.91 -6.51 16.08
C VAL D 279 -29.76 -5.50 16.83
N ASP D 280 -30.97 -5.94 17.20
CA ASP D 280 -31.87 -5.10 17.97
C ASP D 280 -31.26 -4.76 19.33
N ALA D 281 -31.54 -3.54 19.79
CA ALA D 281 -31.08 -3.11 21.11
C ALA D 281 -31.86 -3.75 22.25
N LYS D 282 -33.02 -4.34 21.97
CA LYS D 282 -33.85 -4.94 23.00
C LYS D 282 -33.80 -6.47 22.98
N THR D 283 -34.11 -7.08 21.84
CA THR D 283 -34.11 -8.54 21.74
C THR D 283 -32.74 -9.11 21.38
N LEU D 284 -31.80 -8.27 20.95
CA LEU D 284 -30.45 -8.71 20.58
C LEU D 284 -30.50 -9.80 19.52
N LYS D 285 -31.40 -9.66 18.55
CA LYS D 285 -31.57 -10.63 17.48
C LYS D 285 -31.40 -9.93 16.14
N LYS D 286 -30.71 -10.61 15.21
CA LYS D 286 -30.49 -10.06 13.89
C LYS D 286 -31.77 -10.10 13.06
N GLU D 287 -32.59 -11.14 13.22
CA GLU D 287 -33.75 -11.34 12.38
C GLU D 287 -34.80 -10.25 12.56
N ASP D 288 -34.81 -9.57 13.71
CA ASP D 288 -35.82 -8.52 13.93
C ASP D 288 -35.64 -7.37 12.96
N ILE D 289 -34.41 -6.94 12.73
CA ILE D 289 -34.15 -5.82 11.85
C ILE D 289 -34.09 -6.30 10.41
N GLN D 290 -34.55 -5.45 9.49
CA GLN D 290 -34.54 -5.78 8.07
C GLN D 290 -34.31 -4.50 7.28
N LYS D 291 -33.40 -4.56 6.32
CA LYS D 291 -33.09 -3.43 5.46
C LYS D 291 -33.43 -3.79 4.01
N GLU D 292 -33.78 -2.77 3.25
CA GLU D 292 -34.14 -2.98 1.84
C GLU D 292 -33.92 -1.67 1.10
N THR D 293 -33.86 -1.77 -0.23
CA THR D 293 -33.64 -0.63 -1.10
C THR D 293 -34.86 -0.43 -1.99
N VAL D 294 -35.33 0.82 -2.08
CA VAL D 294 -36.44 1.19 -2.94
C VAL D 294 -35.98 2.31 -3.86
N TYR D 295 -36.30 2.19 -5.14
CA TYR D 295 -35.79 3.08 -6.18
C TYR D 295 -36.81 4.13 -6.54
N CYS D 296 -36.37 5.38 -6.61
CA CYS D 296 -37.24 6.50 -6.95
C CYS D 296 -36.52 7.40 -7.94
N LEU D 297 -37.31 8.19 -8.67
CA LEU D 297 -36.75 9.13 -9.63
C LEU D 297 -35.96 10.22 -8.91
N ASN D 298 -34.84 10.61 -9.52
CA ASN D 298 -33.94 11.58 -8.90
C ASN D 298 -34.45 13.01 -8.98
N ASP D 299 -35.38 13.30 -9.89
CA ASP D 299 -35.87 14.66 -10.08
C ASP D 299 -36.91 14.98 -9.01
N ASP D 300 -37.62 16.09 -9.18
CA ASP D 300 -38.66 16.49 -8.24
C ASP D 300 -39.83 15.52 -8.34
N ASP D 301 -40.83 15.73 -7.48
CA ASP D 301 -42.02 14.88 -7.34
C ASP D 301 -41.65 13.40 -7.45
N GLU D 302 -40.76 12.98 -6.55
CA GLU D 302 -40.20 11.64 -6.59
C GLU D 302 -41.30 10.59 -6.48
N THR D 303 -41.29 9.65 -7.42
CA THR D 303 -42.21 8.52 -7.44
C THR D 303 -41.43 7.22 -7.33
N GLU D 304 -42.03 6.23 -6.68
CA GLU D 304 -41.41 4.92 -6.58
C GLU D 304 -41.31 4.27 -7.96
N VAL D 305 -40.20 3.59 -8.20
CA VAL D 305 -39.94 2.90 -9.46
C VAL D 305 -39.81 1.42 -9.16
N LEU D 306 -40.59 0.60 -9.87
CA LEU D 306 -40.57 -0.83 -9.65
C LEU D 306 -39.28 -1.44 -10.18
N LYS D 307 -38.98 -2.65 -9.71
CA LYS D 307 -37.75 -3.32 -10.10
C LYS D 307 -37.74 -3.65 -11.59
N GLU D 308 -38.89 -4.04 -12.14
CA GLU D 308 -38.96 -4.43 -13.54
C GLU D 308 -38.72 -3.27 -14.50
N ASP D 309 -38.75 -2.03 -14.01
CA ASP D 309 -38.45 -0.87 -14.82
C ASP D 309 -37.00 -0.42 -14.69
N ILE D 310 -36.16 -1.21 -14.04
CA ILE D 310 -34.78 -0.84 -13.74
C ILE D 310 -33.86 -1.64 -14.65
N ILE D 311 -33.03 -0.92 -15.41
CA ILE D 311 -32.00 -1.52 -16.26
C ILE D 311 -30.70 -0.78 -16.02
N GLN D 312 -29.61 -1.53 -15.81
CA GLN D 312 -28.33 -0.89 -15.54
C GLN D 312 -27.79 -0.23 -16.80
N GLY D 313 -26.91 0.76 -16.57
CA GLY D 313 -26.28 1.49 -17.65
C GLY D 313 -24.94 2.00 -17.21
N PHE D 314 -24.23 2.65 -18.13
CA PHE D 314 -22.91 3.17 -17.86
C PHE D 314 -22.80 4.61 -18.34
N ARG D 315 -21.90 5.36 -17.71
CA ARG D 315 -21.65 6.76 -18.04
C ARG D 315 -20.41 6.85 -18.92
N TYR D 316 -20.57 7.38 -20.12
CA TYR D 316 -19.46 7.66 -21.02
C TYR D 316 -19.45 9.17 -21.23
N GLY D 317 -18.68 9.87 -20.41
CA GLY D 317 -18.67 11.32 -20.48
C GLY D 317 -20.03 11.88 -20.10
N SER D 318 -20.61 12.68 -20.99
CA SER D 318 -21.92 13.27 -20.75
C SER D 318 -23.06 12.41 -21.25
N ASP D 319 -22.76 11.27 -21.86
CA ASP D 319 -23.79 10.39 -22.43
C ASP D 319 -24.03 9.20 -21.51
N ILE D 320 -25.29 8.85 -21.35
CA ILE D 320 -25.70 7.68 -20.56
C ILE D 320 -25.97 6.55 -21.53
N VAL D 321 -25.24 5.45 -21.37
CA VAL D 321 -25.28 4.33 -22.30
C VAL D 321 -25.90 3.14 -21.59
N PRO D 322 -27.10 2.70 -21.99
CA PRO D 322 -27.63 1.44 -21.45
C PRO D 322 -26.74 0.27 -21.85
N PHE D 323 -26.56 -0.66 -20.92
CA PHE D 323 -25.65 -1.79 -21.16
C PHE D 323 -26.12 -2.95 -20.27
N SER D 324 -26.80 -3.92 -20.88
CA SER D 324 -27.33 -5.04 -20.13
C SER D 324 -26.20 -5.92 -19.59
N LYS D 325 -26.52 -6.65 -18.52
CA LYS D 325 -25.51 -7.52 -17.89
C LYS D 325 -25.07 -8.63 -18.83
N VAL D 326 -26.00 -9.23 -19.57
CA VAL D 326 -25.64 -10.31 -20.49
C VAL D 326 -24.75 -9.76 -21.60
N ASP D 327 -25.06 -8.58 -22.14
CA ASP D 327 -24.19 -7.97 -23.13
C ASP D 327 -22.83 -7.67 -22.52
N GLU D 328 -22.81 -7.14 -21.30
CA GLU D 328 -21.55 -6.78 -20.67
C GLU D 328 -20.65 -8.00 -20.50
N GLU D 329 -21.23 -9.14 -20.10
CA GLU D 329 -20.43 -10.35 -19.99
C GLU D 329 -20.06 -10.89 -21.36
N GLN D 330 -20.88 -10.65 -22.38
CA GLN D 330 -20.57 -11.16 -23.72
C GLN D 330 -19.35 -10.46 -24.29
N MET D 331 -19.34 -9.12 -24.25
CA MET D 331 -18.27 -8.36 -24.90
C MET D 331 -17.29 -7.76 -23.91
N LYS D 332 -17.14 -8.36 -22.73
CA LYS D 332 -16.10 -7.95 -21.80
C LYS D 332 -14.74 -8.50 -22.26
N TYR D 333 -13.69 -7.97 -21.65
CA TYR D 333 -12.35 -8.44 -21.96
C TYR D 333 -12.18 -9.88 -21.50
N LYS D 334 -11.68 -10.73 -22.40
CA LYS D 334 -11.48 -12.15 -22.10
C LYS D 334 -9.99 -12.46 -22.15
N SER D 335 -9.50 -13.10 -21.10
CA SER D 335 -8.09 -13.50 -21.01
C SER D 335 -7.97 -15.00 -21.20
N GLU D 336 -6.76 -15.42 -21.60
CA GLU D 336 -6.51 -16.84 -21.81
C GLU D 336 -6.65 -17.62 -20.51
N GLY D 337 -6.19 -17.05 -19.40
CA GLY D 337 -6.30 -17.71 -18.12
C GLY D 337 -5.08 -17.53 -17.24
N LYS D 338 -4.70 -18.60 -16.55
CA LYS D 338 -3.49 -18.58 -15.73
C LYS D 338 -2.28 -18.24 -16.59
N CYS D 339 -1.46 -17.31 -16.12
CA CYS D 339 -0.27 -16.94 -16.88
C CYS D 339 0.73 -16.25 -15.96
N PHE D 340 2.01 -16.56 -16.17
CA PHE D 340 3.13 -15.85 -15.57
C PHE D 340 4.17 -15.74 -16.68
N SER D 341 4.06 -14.67 -17.47
CA SER D 341 4.80 -14.54 -18.72
C SER D 341 5.72 -13.34 -18.66
N VAL D 342 6.97 -13.54 -19.07
CA VAL D 342 7.98 -12.48 -19.03
C VAL D 342 7.83 -11.61 -20.27
N LEU D 343 7.54 -10.33 -20.06
CA LEU D 343 7.51 -9.38 -21.17
C LEU D 343 8.91 -8.97 -21.60
N GLY D 344 9.84 -8.86 -20.66
CA GLY D 344 11.19 -8.45 -20.96
C GLY D 344 11.93 -8.15 -19.68
N PHE D 345 13.23 -7.91 -19.83
CA PHE D 345 14.11 -7.65 -18.71
C PHE D 345 14.62 -6.22 -18.79
N CYS D 346 14.48 -5.47 -17.70
CA CYS D 346 14.93 -4.09 -17.63
C CYS D 346 15.81 -3.93 -16.41
N LYS D 347 16.63 -2.87 -16.44
CA LYS D 347 17.54 -2.61 -15.33
C LYS D 347 16.74 -2.33 -14.06
N SER D 348 17.28 -2.79 -12.92
CA SER D 348 16.59 -2.63 -11.66
C SER D 348 16.43 -1.17 -11.27
N SER D 349 17.25 -0.27 -11.82
CA SER D 349 17.13 1.14 -11.51
C SER D 349 15.92 1.78 -12.17
N GLN D 350 15.40 1.19 -13.24
CA GLN D 350 14.23 1.76 -13.93
C GLN D 350 12.92 1.47 -13.23
N VAL D 351 12.90 0.56 -12.26
CA VAL D 351 11.70 0.21 -11.53
C VAL D 351 11.88 0.74 -10.11
N GLN D 352 11.32 1.92 -9.84
CA GLN D 352 11.37 2.50 -8.52
C GLN D 352 10.27 1.93 -7.64
N ARG D 353 10.58 1.76 -6.36
CA ARG D 353 9.61 1.16 -5.44
C ARG D 353 8.42 2.06 -5.17
N ARG D 354 8.51 3.35 -5.51
CA ARG D 354 7.37 4.24 -5.32
C ARG D 354 6.25 3.97 -6.30
N PHE D 355 6.50 3.17 -7.33
CA PHE D 355 5.48 2.80 -8.30
C PHE D 355 4.84 1.45 -8.02
N PHE D 356 5.28 0.75 -6.98
CA PHE D 356 4.70 -0.54 -6.64
C PHE D 356 3.22 -0.37 -6.32
N MET D 357 2.39 -1.24 -6.89
CA MET D 357 0.95 -1.20 -6.70
C MET D 357 0.47 -2.55 -6.19
N GLY D 358 -0.85 -2.65 -5.99
CA GLY D 358 -1.43 -3.86 -5.48
C GLY D 358 -1.44 -3.93 -3.97
N ASN D 359 -1.99 -5.03 -3.46
CA ASN D 359 -2.13 -5.23 -2.02
C ASN D 359 -1.52 -6.54 -1.58
N GLN D 360 -0.50 -7.02 -2.29
CA GLN D 360 0.14 -8.27 -1.93
C GLN D 360 1.53 -8.32 -2.54
N VAL D 361 2.36 -9.20 -1.98
CA VAL D 361 3.69 -9.48 -2.49
C VAL D 361 3.83 -10.99 -2.64
N LEU D 362 4.23 -11.43 -3.82
CA LEU D 362 4.35 -12.85 -4.13
C LEU D 362 5.82 -13.24 -4.20
N LYS D 363 6.18 -14.31 -3.52
CA LYS D 363 7.50 -14.92 -3.65
C LYS D 363 7.34 -16.19 -4.49
N VAL D 364 8.10 -16.26 -5.58
CA VAL D 364 7.95 -17.31 -6.59
C VAL D 364 9.09 -18.30 -6.43
N PHE D 365 8.75 -19.54 -6.12
CA PHE D 365 9.71 -20.63 -6.02
C PHE D 365 9.51 -21.61 -7.16
N ALA D 366 10.45 -22.53 -7.29
CA ALA D 366 10.29 -23.60 -8.25
C ALA D 366 9.26 -24.60 -7.74
N ALA D 367 8.81 -25.48 -8.64
CA ALA D 367 7.82 -26.47 -8.28
C ALA D 367 8.39 -27.43 -7.22
N ARG D 368 7.50 -27.88 -6.33
CA ARG D 368 7.90 -28.80 -5.27
C ARG D 368 8.43 -30.10 -5.87
N ASP D 369 9.56 -30.57 -5.33
CA ASP D 369 10.17 -31.83 -5.75
C ASP D 369 10.42 -31.85 -7.25
N ASP D 370 10.99 -30.76 -7.76
CA ASP D 370 11.35 -30.65 -9.18
C ASP D 370 12.77 -30.11 -9.26
N GLU D 371 13.74 -31.02 -9.47
CA GLU D 371 15.13 -30.60 -9.54
C GLU D 371 15.39 -29.74 -10.77
N ALA D 372 14.84 -30.12 -11.92
CA ALA D 372 15.09 -29.37 -13.14
C ALA D 372 14.51 -27.96 -13.07
N ALA D 373 13.29 -27.84 -12.54
CA ALA D 373 12.69 -26.52 -12.38
C ALA D 373 13.49 -25.68 -11.41
N ALA D 374 13.98 -26.29 -10.33
CA ALA D 374 14.80 -25.57 -9.38
C ALA D 374 16.08 -25.06 -10.03
N VAL D 375 16.73 -25.89 -10.84
CA VAL D 375 17.95 -25.47 -11.52
C VAL D 375 17.67 -24.32 -12.47
N ALA D 376 16.59 -24.44 -13.25
CA ALA D 376 16.26 -23.39 -14.22
C ALA D 376 15.95 -22.07 -13.52
N LEU D 377 15.15 -22.11 -12.46
CA LEU D 377 14.80 -20.89 -11.75
C LEU D 377 16.04 -20.29 -11.06
N SER D 378 16.91 -21.14 -10.52
CA SER D 378 18.15 -20.65 -9.93
C SER D 378 19.01 -19.96 -10.98
N SER D 379 19.08 -20.54 -12.18
CA SER D 379 19.85 -19.92 -13.26
C SER D 379 19.28 -18.54 -13.59
N LEU D 380 17.95 -18.45 -13.72
CA LEU D 380 17.35 -17.16 -14.04
C LEU D 380 17.59 -16.15 -12.93
N ILE D 381 17.45 -16.57 -11.67
CA ILE D 381 17.62 -15.66 -10.54
C ILE D 381 19.06 -15.15 -10.48
N HIS D 382 20.03 -16.04 -10.64
CA HIS D 382 21.43 -15.63 -10.57
C HIS D 382 21.80 -14.75 -11.76
N ALA D 383 21.25 -15.02 -12.94
CA ALA D 383 21.50 -14.16 -14.09
C ALA D 383 20.92 -12.77 -13.85
N LEU D 384 19.72 -12.69 -13.30
CA LEU D 384 19.13 -11.39 -13.01
C LEU D 384 19.93 -10.64 -11.95
N ASP D 385 20.41 -11.34 -10.93
CA ASP D 385 21.17 -10.69 -9.86
C ASP D 385 22.51 -10.19 -10.35
N ASP D 386 23.22 -10.99 -11.16
CA ASP D 386 24.55 -10.62 -11.60
C ASP D 386 24.51 -9.39 -12.51
N LEU D 387 23.54 -9.34 -13.41
CA LEU D 387 23.41 -8.22 -14.34
C LEU D 387 22.64 -7.05 -13.74
N ASP D 388 22.16 -7.18 -12.51
CA ASP D 388 21.37 -6.13 -11.84
C ASP D 388 20.16 -5.74 -12.68
N MET D 389 19.44 -6.76 -13.17
CA MET D 389 18.26 -6.58 -13.98
C MET D 389 17.05 -7.16 -13.26
N VAL D 390 15.87 -6.76 -13.70
CA VAL D 390 14.62 -7.30 -13.19
C VAL D 390 13.75 -7.70 -14.37
N ALA D 391 12.77 -8.56 -14.10
CA ALA D 391 11.88 -9.08 -15.11
C ALA D 391 10.52 -8.40 -14.99
N ILE D 392 10.03 -7.86 -16.10
CA ILE D 392 8.68 -7.33 -16.16
C ILE D 392 7.78 -8.45 -16.68
N VAL D 393 6.82 -8.87 -15.85
CA VAL D 393 6.01 -10.03 -16.16
C VAL D 393 4.55 -9.62 -16.22
N ARG D 394 3.77 -10.44 -16.93
CA ARG D 394 2.31 -10.32 -16.94
C ARG D 394 1.74 -11.45 -16.10
N TYR D 395 0.92 -11.09 -15.11
CA TYR D 395 0.44 -12.02 -14.11
C TYR D 395 -1.09 -12.02 -14.11
N ALA D 396 -1.67 -13.22 -14.22
CA ALA D 396 -3.11 -13.40 -14.13
C ALA D 396 -3.38 -14.56 -13.20
N TYR D 397 -4.16 -14.31 -12.13
CA TYR D 397 -4.41 -15.35 -11.15
C TYR D 397 -5.18 -16.52 -11.74
N ASP D 398 -6.21 -16.24 -12.53
CA ASP D 398 -7.00 -17.29 -13.15
C ASP D 398 -7.71 -16.68 -14.37
N LYS D 399 -8.66 -17.44 -14.93
CA LYS D 399 -9.37 -16.99 -16.12
C LYS D 399 -10.29 -15.81 -15.83
N ARG D 400 -10.72 -15.63 -14.58
CA ARG D 400 -11.64 -14.57 -14.23
C ARG D 400 -10.95 -13.33 -13.67
N ALA D 401 -9.68 -13.41 -13.34
CA ALA D 401 -8.99 -12.28 -12.73
C ALA D 401 -8.44 -11.33 -13.80
N ASN D 402 -8.43 -10.06 -13.47
CA ASN D 402 -7.88 -9.06 -14.38
C ASN D 402 -6.36 -9.25 -14.49
N PRO D 403 -5.82 -9.29 -15.69
CA PRO D 403 -4.36 -9.43 -15.82
C PRO D 403 -3.63 -8.22 -15.26
N GLN D 404 -2.43 -8.46 -14.75
CA GLN D 404 -1.61 -7.41 -14.15
C GLN D 404 -0.25 -7.41 -14.81
N VAL D 405 0.45 -6.29 -14.65
CA VAL D 405 1.85 -6.16 -15.05
C VAL D 405 2.64 -5.82 -13.80
N GLY D 406 3.71 -6.58 -13.55
CA GLY D 406 4.51 -6.40 -12.35
C GLY D 406 5.97 -6.67 -12.62
N VAL D 407 6.75 -6.61 -11.55
CA VAL D 407 8.20 -6.80 -11.60
C VAL D 407 8.55 -8.01 -10.74
N ALA D 408 9.35 -8.91 -11.30
CA ALA D 408 9.87 -10.06 -10.57
C ALA D 408 11.37 -9.86 -10.39
N PHE D 409 11.76 -9.43 -9.19
CA PHE D 409 13.18 -9.21 -8.96
C PHE D 409 13.77 -10.31 -8.09
N PRO D 410 15.03 -10.65 -8.28
CA PRO D 410 15.62 -11.77 -7.53
C PRO D 410 15.74 -11.47 -6.04
N HIS D 411 15.67 -12.53 -5.25
CA HIS D 411 15.82 -12.45 -3.80
C HIS D 411 16.60 -13.68 -3.35
N ILE D 412 17.88 -13.50 -3.06
CA ILE D 412 18.78 -14.60 -2.75
C ILE D 412 19.12 -14.55 -1.27
N LYS D 413 18.88 -15.67 -0.59
CA LYS D 413 19.24 -15.86 0.81
C LYS D 413 20.19 -17.04 0.92
N HIS D 414 20.69 -17.27 2.14
CA HIS D 414 21.60 -18.37 2.38
C HIS D 414 20.91 -19.73 2.41
N ASN D 415 19.58 -19.77 2.46
CA ASN D 415 18.85 -21.02 2.51
C ASN D 415 17.87 -21.22 1.37
N TYR D 416 17.53 -20.17 0.63
CA TYR D 416 16.60 -20.30 -0.49
C TYR D 416 16.80 -19.13 -1.44
N GLU D 417 16.31 -19.31 -2.66
CA GLU D 417 16.28 -18.27 -3.67
C GLU D 417 14.88 -18.20 -4.26
N CYS D 418 14.43 -17.00 -4.61
CA CYS D 418 13.10 -16.83 -5.15
C CYS D 418 13.03 -15.53 -5.92
N LEU D 419 11.97 -15.40 -6.71
CA LEU D 419 11.62 -14.16 -7.38
C LEU D 419 10.47 -13.50 -6.62
N VAL D 420 10.59 -12.20 -6.39
CA VAL D 420 9.57 -11.45 -5.67
C VAL D 420 8.77 -10.65 -6.68
N TYR D 421 7.45 -10.85 -6.71
CA TYR D 421 6.58 -10.21 -7.67
C TYR D 421 5.75 -9.14 -6.96
N VAL D 422 5.83 -7.92 -7.46
CA VAL D 422 4.99 -6.81 -7.01
C VAL D 422 4.37 -6.17 -8.24
N GLN D 423 3.07 -5.90 -8.19
CA GLN D 423 2.38 -5.32 -9.32
C GLN D 423 2.84 -3.90 -9.58
N LEU D 424 3.01 -3.56 -10.85
CA LEU D 424 3.38 -2.26 -11.39
C LEU D 424 2.15 -1.54 -11.94
N PRO D 425 2.15 -0.21 -11.98
CA PRO D 425 0.94 0.51 -12.39
C PRO D 425 0.74 0.49 -13.90
N PHE D 426 -0.51 0.75 -14.29
CA PHE D 426 -0.84 1.00 -15.67
C PHE D 426 -0.74 2.49 -15.95
N MET D 427 -0.99 2.87 -17.21
CA MET D 427 -0.91 4.29 -17.57
C MET D 427 -2.00 5.09 -16.88
N GLU D 428 -3.19 4.50 -16.73
CA GLU D 428 -4.30 5.21 -16.10
C GLU D 428 -4.13 5.37 -14.60
N ASP D 429 -3.23 4.60 -13.99
CA ASP D 429 -3.03 4.66 -12.55
C ASP D 429 -2.07 5.77 -12.12
N LEU D 430 -1.37 6.38 -13.06
CA LEU D 430 -0.40 7.42 -12.74
C LEU D 430 -1.07 8.79 -12.70
N ARG D 431 -0.59 9.65 -11.81
CA ARG D 431 -1.10 11.00 -11.66
C ARG D 431 0.07 11.97 -11.65
N GLN D 432 0.11 12.86 -12.64
CA GLN D 432 1.25 13.75 -12.84
C GLN D 432 0.91 15.11 -12.22
N TYR D 433 1.24 15.26 -10.95
CA TYR D 433 1.07 16.52 -10.26
C TYR D 433 2.35 17.35 -10.31
N MET D 434 2.18 18.66 -10.33
CA MET D 434 3.29 19.61 -10.40
C MET D 434 3.51 20.19 -9.01
N PHE D 435 4.70 19.98 -8.45
CA PHE D 435 5.06 20.50 -7.14
C PHE D 435 6.21 21.47 -7.26
N SER D 436 6.09 22.60 -6.56
CA SER D 436 7.12 23.62 -6.61
C SER D 436 8.40 23.13 -5.95
N SER D 437 9.53 23.48 -6.55
CA SER D 437 10.82 23.07 -6.02
C SER D 437 11.08 23.75 -4.68
N LEU D 438 11.77 23.03 -3.80
CA LEU D 438 12.12 23.54 -2.49
C LEU D 438 13.54 24.03 -2.38
N LYS D 439 14.45 23.48 -3.20
CA LYS D 439 15.83 23.96 -3.20
C LYS D 439 15.92 25.38 -3.74
N ASN D 440 15.24 25.66 -4.84
CA ASN D 440 15.28 26.97 -5.48
C ASN D 440 14.16 27.87 -4.98
N SER D 441 14.06 28.02 -3.67
CA SER D 441 13.06 28.88 -3.05
C SER D 441 13.78 29.87 -2.14
N LYS D 442 13.58 31.16 -2.37
CA LYS D 442 14.19 32.18 -1.54
C LYS D 442 13.45 32.42 -0.24
N LYS D 443 12.18 32.03 -0.16
CA LYS D 443 11.40 32.22 1.05
C LYS D 443 11.55 31.06 2.02
N TYR D 444 11.74 29.85 1.52
CA TYR D 444 11.77 28.65 2.35
C TYR D 444 13.17 28.06 2.45
N ALA D 445 14.20 28.84 2.21
CA ALA D 445 15.57 28.34 2.28
C ALA D 445 16.06 28.39 3.71
N PRO D 446 16.34 27.26 4.35
CA PRO D 446 16.86 27.30 5.73
C PRO D 446 18.26 27.88 5.78
N THR D 447 18.57 28.51 6.91
CA THR D 447 19.88 29.10 7.11
C THR D 447 20.85 28.04 7.61
N GLU D 448 22.11 28.45 7.86
CA GLU D 448 23.12 27.51 8.32
C GLU D 448 22.78 26.96 9.70
N ALA D 449 22.32 27.82 10.61
CA ALA D 449 22.01 27.38 11.97
C ALA D 449 20.88 26.36 11.97
N GLN D 450 19.85 26.61 11.15
CA GLN D 450 18.74 25.66 11.07
C GLN D 450 19.19 24.31 10.53
N LEU D 451 20.04 24.33 9.50
CA LEU D 451 20.56 23.07 8.95
C LEU D 451 21.39 22.33 9.98
N ASN D 452 22.21 23.05 10.74
CA ASN D 452 23.00 22.40 11.79
C ASN D 452 22.11 21.80 12.86
N ALA D 453 21.05 22.51 13.24
CA ALA D 453 20.12 21.99 14.24
C ALA D 453 19.44 20.72 13.74
N VAL D 454 19.01 20.71 12.49
CA VAL D 454 18.37 19.51 11.95
C VAL D 454 19.36 18.36 11.85
N ASP D 455 20.62 18.66 11.50
CA ASP D 455 21.65 17.63 11.47
C ASP D 455 21.84 17.01 12.86
N ALA D 456 21.90 17.86 13.89
CA ALA D 456 22.05 17.36 15.24
C ALA D 456 20.85 16.51 15.66
N LEU D 457 19.65 16.95 15.28
CA LEU D 457 18.45 16.17 15.61
C LEU D 457 18.49 14.80 14.94
N ILE D 458 18.86 14.76 13.66
CA ILE D 458 18.90 13.49 12.94
C ILE D 458 19.95 12.58 13.54
N ASP D 459 21.10 13.14 13.94
CA ASP D 459 22.12 12.33 14.58
C ASP D 459 21.64 11.77 15.91
N SER D 460 20.96 12.58 16.72
CA SER D 460 20.56 12.14 18.04
C SER D 460 19.41 11.14 17.99
N MET D 461 18.47 11.31 17.06
CA MET D 461 17.28 10.49 16.98
C MET D 461 17.47 9.25 16.13
N SER D 462 18.71 8.78 15.97
CA SER D 462 18.98 7.63 15.13
C SER D 462 18.40 6.37 15.76
N LEU D 463 17.81 5.52 14.91
CA LEU D 463 17.20 4.27 15.34
C LEU D 463 18.07 3.06 15.02
N ALA D 464 19.34 3.27 14.67
CA ALA D 464 20.25 2.18 14.38
C ALA D 464 21.64 2.55 14.88
N LYS D 465 22.43 1.53 15.20
CA LYS D 465 23.78 1.72 15.69
C LYS D 465 24.72 0.73 15.02
N LYS D 466 25.99 1.11 14.91
CA LYS D 466 27.01 0.26 14.31
C LYS D 466 27.78 -0.47 15.40
N ASP D 467 27.07 -1.36 16.07
CA ASP D 467 27.63 -2.06 17.23
C ASP D 467 28.58 -3.16 16.80
N GLU D 468 29.37 -3.63 17.75
CA GLU D 468 30.29 -4.77 17.65
C GLU D 468 31.48 -4.49 16.75
N LYS D 469 31.56 -3.33 16.11
CA LYS D 469 32.65 -2.96 15.20
C LYS D 469 32.86 -3.98 14.10
N THR D 470 31.81 -4.75 13.76
CA THR D 470 31.87 -5.75 12.71
C THR D 470 31.17 -5.27 11.44
N ASP D 471 30.97 -3.96 11.30
CA ASP D 471 30.27 -3.38 10.15
C ASP D 471 28.86 -3.95 10.00
N THR D 472 28.20 -4.20 11.11
CA THR D 472 26.83 -4.72 11.13
C THR D 472 25.92 -3.66 11.71
N LEU D 473 24.82 -3.37 11.01
CA LEU D 473 23.86 -2.37 11.44
C LEU D 473 22.79 -3.02 12.30
N GLU D 474 22.73 -2.63 13.57
CA GLU D 474 21.73 -3.13 14.49
C GLU D 474 20.52 -2.22 14.46
N ASP D 475 19.33 -2.82 14.36
CA ASP D 475 18.09 -2.07 14.34
C ASP D 475 17.56 -1.95 15.76
N LEU D 476 17.43 -0.72 16.25
CA LEU D 476 16.94 -0.46 17.59
C LEU D 476 15.42 -0.43 17.68
N PHE D 477 14.73 -0.41 16.54
CA PHE D 477 13.27 -0.35 16.52
C PHE D 477 12.76 -1.09 15.28
N PRO D 478 12.88 -2.43 15.29
CA PRO D 478 12.43 -3.23 14.15
C PRO D 478 10.91 -3.43 14.12
N THR D 479 10.23 -2.44 13.55
CA THR D 479 8.76 -2.41 13.61
C THR D 479 8.12 -3.55 12.84
N THR D 480 8.81 -4.15 11.87
CA THR D 480 8.22 -5.23 11.10
C THR D 480 8.02 -6.50 11.92
N LYS D 481 8.65 -6.60 13.08
CA LYS D 481 8.42 -7.72 13.98
C LYS D 481 7.34 -7.44 15.02
N ILE D 482 6.85 -6.22 15.10
CA ILE D 482 5.82 -5.86 16.08
C ILE D 482 4.46 -6.28 15.52
N PRO D 483 3.65 -7.01 16.28
CA PRO D 483 2.32 -7.35 15.81
C PRO D 483 1.41 -6.14 15.75
N ASN D 484 0.36 -6.27 14.96
CA ASN D 484 -0.62 -5.19 14.82
C ASN D 484 -1.32 -4.97 16.15
N PRO D 485 -1.23 -3.78 16.74
CA PRO D 485 -1.87 -3.56 18.05
C PRO D 485 -3.39 -3.67 18.02
N ARG D 486 -4.00 -3.51 16.86
CA ARG D 486 -5.46 -3.50 16.79
C ARG D 486 -6.04 -4.85 17.19
N PHE D 487 -5.39 -5.94 16.81
CA PHE D 487 -5.91 -7.27 17.14
C PHE D 487 -5.88 -7.52 18.63
N GLN D 488 -4.76 -7.21 19.29
CA GLN D 488 -4.67 -7.41 20.72
C GLN D 488 -5.62 -6.49 21.47
N ARG D 489 -5.75 -5.24 21.03
CA ARG D 489 -6.68 -4.32 21.68
C ARG D 489 -8.12 -4.81 21.55
N LEU D 490 -8.49 -5.26 20.35
CA LEU D 490 -9.84 -5.77 20.13
C LEU D 490 -10.11 -7.01 20.96
N PHE D 491 -9.12 -7.91 21.03
CA PHE D 491 -9.29 -9.12 21.83
C PHE D 491 -9.46 -8.79 23.31
N GLN D 492 -8.66 -7.84 23.80
CA GLN D 492 -8.79 -7.42 25.19
C GLN D 492 -10.17 -6.83 25.46
N CYS D 493 -10.65 -5.96 24.56
CA CYS D 493 -11.97 -5.37 24.76
C CYS D 493 -13.07 -6.43 24.71
N LEU D 494 -12.98 -7.37 23.78
CA LEU D 494 -13.98 -8.42 23.67
C LEU D 494 -13.99 -9.29 24.92
N LEU D 495 -12.81 -9.66 25.42
CA LEU D 495 -12.74 -10.48 26.63
C LEU D 495 -13.30 -9.72 27.83
N HIS D 496 -12.98 -8.42 27.94
CA HIS D 496 -13.50 -7.63 29.05
C HIS D 496 -15.02 -7.54 28.98
N ARG D 497 -15.57 -7.35 27.79
CA ARG D 497 -17.02 -7.30 27.64
C ARG D 497 -17.66 -8.64 27.99
N ALA D 498 -17.05 -9.74 27.54
CA ALA D 498 -17.61 -11.06 27.83
C ALA D 498 -17.59 -11.37 29.33
N LEU D 499 -16.49 -11.02 30.01
CA LEU D 499 -16.37 -11.36 31.41
C LEU D 499 -17.03 -10.34 32.33
N HIS D 500 -17.03 -9.07 31.94
CA HIS D 500 -17.63 -7.99 32.73
C HIS D 500 -18.60 -7.23 31.83
N PRO D 501 -19.80 -7.76 31.63
CA PRO D 501 -20.74 -7.11 30.69
C PRO D 501 -21.13 -5.70 31.09
N ARG D 502 -21.20 -5.39 32.37
CA ARG D 502 -21.66 -4.08 32.81
C ARG D 502 -20.57 -3.03 32.88
N GLU D 503 -19.31 -3.42 32.74
CA GLU D 503 -18.25 -2.42 32.88
C GLU D 503 -17.94 -1.78 31.53
N PRO D 504 -17.45 -0.55 31.54
CA PRO D 504 -17.01 0.08 30.28
C PRO D 504 -15.70 -0.52 29.80
N LEU D 505 -15.35 -0.19 28.56
CA LEU D 505 -14.17 -0.75 27.94
C LEU D 505 -12.92 -0.28 28.69
N PRO D 506 -11.93 -1.14 28.89
CA PRO D 506 -10.73 -0.75 29.63
C PRO D 506 -9.81 0.08 28.75
N PRO D 507 -8.90 0.83 29.35
CA PRO D 507 -7.92 1.59 28.55
C PRO D 507 -6.90 0.66 27.92
N ILE D 508 -6.18 1.19 26.93
CA ILE D 508 -5.17 0.41 26.24
C ILE D 508 -4.08 0.00 27.21
N GLN D 509 -3.66 -1.26 27.13
CA GLN D 509 -2.65 -1.78 28.04
C GLN D 509 -1.33 -1.04 27.86
N GLN D 510 -0.61 -0.89 28.96
CA GLN D 510 0.62 -0.09 28.94
C GLN D 510 1.67 -0.70 28.04
N HIS D 511 1.77 -2.04 28.01
CA HIS D 511 2.80 -2.66 27.19
C HIS D 511 2.55 -2.44 25.71
N ILE D 512 1.30 -2.24 25.30
CA ILE D 512 1.02 -1.90 23.91
C ILE D 512 1.68 -0.56 23.56
N TRP D 513 1.49 0.44 24.43
CA TRP D 513 2.12 1.74 24.20
C TRP D 513 3.63 1.63 24.26
N ASN D 514 4.15 0.81 25.16
CA ASN D 514 5.60 0.63 25.25
C ASN D 514 6.17 0.04 23.98
N MET D 515 5.48 -0.94 23.40
CA MET D 515 5.93 -1.57 22.17
C MET D 515 5.68 -0.70 20.94
N LEU D 516 4.78 0.26 21.03
CA LEU D 516 4.52 1.17 19.92
C LEU D 516 5.36 2.44 19.98
N ASN D 517 6.26 2.55 20.94
CA ASN D 517 7.07 3.75 21.12
C ASN D 517 8.55 3.43 20.99
N PRO D 518 9.35 4.39 20.55
CA PRO D 518 10.79 4.14 20.41
C PRO D 518 11.45 3.98 21.76
N PRO D 519 12.65 3.39 21.80
CA PRO D 519 13.32 3.17 23.09
C PRO D 519 13.58 4.49 23.81
N ALA D 520 13.58 4.41 25.15
CA ALA D 520 13.71 5.62 25.96
C ALA D 520 15.04 6.33 25.76
N GLU D 521 16.06 5.61 25.31
CA GLU D 521 17.35 6.26 25.05
C GLU D 521 17.23 7.29 23.93
N VAL D 522 16.46 6.96 22.88
CA VAL D 522 16.26 7.91 21.78
C VAL D 522 15.54 9.16 22.27
N THR D 523 14.50 8.98 23.08
CA THR D 523 13.76 10.13 23.59
C THR D 523 14.63 10.98 24.51
N THR D 524 15.44 10.34 25.34
CA THR D 524 16.35 11.09 26.21
C THR D 524 17.38 11.88 25.40
N LYS D 525 17.92 11.25 24.35
CA LYS D 525 18.90 11.94 23.53
C LYS D 525 18.30 13.09 22.75
N SER D 526 17.03 12.97 22.36
CA SER D 526 16.39 13.96 21.50
C SER D 526 15.91 15.20 22.25
N GLN D 527 16.23 15.34 23.54
CA GLN D 527 15.70 16.46 24.30
C GLN D 527 16.30 17.79 23.85
N ILE D 528 17.63 17.91 23.94
CA ILE D 528 18.28 19.17 23.58
C ILE D 528 18.10 19.53 22.11
N PRO D 529 18.33 18.63 21.14
CA PRO D 529 18.13 19.02 19.74
C PRO D 529 16.71 19.47 19.43
N LEU D 530 15.70 18.86 20.05
CA LEU D 530 14.33 19.30 19.80
C LEU D 530 14.09 20.70 20.34
N SER D 531 14.65 21.02 21.50
CA SER D 531 14.54 22.38 22.02
C SER D 531 15.23 23.38 21.09
N LYS D 532 16.41 23.01 20.58
CA LYS D 532 17.09 23.89 19.63
C LYS D 532 16.28 24.10 18.37
N ILE D 533 15.65 23.03 17.88
CA ILE D 533 14.79 23.15 16.70
C ILE D 533 13.61 24.06 16.98
N LYS D 534 13.00 23.91 18.16
CA LYS D 534 11.86 24.75 18.50
C LYS D 534 12.26 26.21 18.58
N THR D 535 13.43 26.51 19.15
CA THR D 535 13.84 27.90 19.26
C THR D 535 14.42 28.44 17.96
N LEU D 536 14.73 27.58 16.99
CA LEU D 536 15.29 28.04 15.71
C LEU D 536 14.27 28.09 14.59
N PHE D 537 13.24 27.24 14.61
CA PHE D 537 12.22 27.25 13.57
C PHE D 537 10.95 27.87 14.13
N PRO D 538 10.59 29.09 13.74
CA PRO D 538 9.32 29.67 14.19
C PRO D 538 8.15 29.01 13.47
N LEU D 539 7.16 28.57 14.24
CA LEU D 539 5.99 27.89 13.71
C LEU D 539 4.75 28.54 14.30
N ILE D 540 3.95 29.18 13.45
CA ILE D 540 2.72 29.86 13.87
C ILE D 540 1.58 29.34 13.03
N GLU D 541 0.49 28.94 13.69
CA GLU D 541 -0.71 28.52 12.96
C GLU D 541 -1.42 29.73 12.37
N ALA D 542 -2.04 29.52 11.21
CA ALA D 542 -2.79 30.56 10.53
C ALA D 542 -4.21 30.63 11.06
N LYS D 543 -4.77 31.85 11.04
CA LYS D 543 -6.11 32.08 11.53
C LYS D 543 -7.11 32.46 10.43
N LYS D 544 -6.63 32.84 9.25
CA LYS D 544 -7.48 33.22 8.13
C LYS D 544 -7.37 32.17 7.03
N LYS D 545 -8.17 32.37 5.99
CA LYS D 545 -8.21 31.49 4.82
C LYS D 545 -8.50 30.04 5.23
#